data_2GO5
#
_entry.id   2GO5
#
_cell.length_a   1.000
_cell.length_b   1.000
_cell.length_c   1.000
_cell.angle_alpha   90.00
_cell.angle_beta   90.00
_cell.angle_gamma   90.00
#
_symmetry.space_group_name_H-M   'P 1'
#
loop_
_entity.id
_entity.type
_entity.pdbx_description
1 polymer 'SRP RNA'
2 polymer 'ribosomal RNA'
3 polymer 'Signal recognition particle 19 kDa protein (SRP19)'
4 polymer 'Signal recognition particle 54 kDa protein (SRP54)'
5 polymer 'Signal recognition particle receptor alpha subunit (SR a)'
6 polymer 'Signal recognition particle receptor beta subunit (SR b)'
7 polymer 'ribosomal protein L35'
8 polymer 'ribosomal protein L23'
9 polymer 'ribosomal protein L31'
#
loop_
_entity_poly.entity_id
_entity_poly.type
_entity_poly.pdbx_seq_one_letter_code
_entity_poly.pdbx_strand_id
1 'polyribonucleotide'
;GACACUAAGUUCGGCAUCAAUAUGGUGACCUCCCGGGAGCGGGGGACCACCAGGUUGCCUAAGGAGGGGUGAACCGGCCC
AGGUCGGAAACGGAGCAGGUCAAAACUCCCGUGCUGAUCAGUAGUGU
;
A
2 'polyribonucleotide'
;CGAGGUCCCGCGUACAAGACGCGGUCGAUAGACUCGGGGUGUGCGCGUCGAGGUAACGAGACGUUAAGCCCACGAGCACU
AACAGACCAA
;
9
3 'polypeptide(L)'
;MRFICIYPAYLNNKKTIAEGRRIPISKAVENPTATEIQDVCSAVGLNVFLEKNKMYSREWNRDVQYRGRVRVQLKQEDGS
LCLVQFPSRKSVMLYAAEMIPKLKTRTQ
;
B
4 'polypeptide(L)'
;QFTLRDMYEQFQNIMKMGPFSQILGMIPGFGTDFMSKGNEQESMARLKKLMTIMDSMNDQELDSTDGAKVFSKQPGRIQR
VARGSGVSTRDVQELLTQYTKFAQMVKKM
;
W
5 'polypeptide(L)'
;MSHHHHHHSMVDFFTIFSKGGLVLWCFQGVSDSCTGPVNALIRSVLLQERGGNNSFTHEALTLKYKLDNQFELVFVVGFQ
KILTLTYVDKLIDDVHRLFRDKYRTEIQQQSALSLLNGTFDFQNDFLRLLREAEESSKIRAPTTMKKFEDSEKAKKPVRS
MIETRGEKPKEKAKNSKKKGAKKEG
;
1
6 'polypeptide(L)'
;MARKSSQRAVLFVGLCDSGKTLLFVRLLTGQYRDTQTSITDSSAIYKVNNNRGNSLTLIDLPGHESLRFQLLDRFKSSAR
AVVFVVDSAAFQREVKDVAEFLYQVLIDSMALKNSPSLLIACNKQDIAMAKSAKLIQQQLEKELNTLRVTRSAAPSTLDS
SSTAPAQLGKKGKEFEFSQLPLKVEFLECSAKGGRGDTGSADIQDLEKWLAKIA
;
2
7 'polypeptide(L)'
;MSSGKVKAGELWNKSKDDLTKQLAELKTELGQLRIQKVASSGSKLNRIHDIRKSIARVLTVINAKQRAQLRLFYKNKKYA
PLDLRAKQTRAIRRRLSPDEKSRVLEKTKKRTVHFPQRKFAIKA
;
5
8 'polypeptide(L)'
;MAPKVAVAKKGDAKAQAAKVAKAVKSGSIKKTAKKIRTSVTFHRPKTLSKARDPKYPRISTPGRNKLDQYQILKYPLTTE
SAMKKIEDNNTLVFIVDLKADKKKIKAAVKKMYDIQAKKVNTLIRPDGKKKAYVKLTPDYDALDVANKIGII
;
4
9 'polypeptide(L)'
;MSEKKRAPGPRKDEVVTREYTVNLHKRLHGCTFKKKAPNAIKEIRKFAQKAMGTNDVRIDVKLNKHIWSSGIRSVPRRVR
VRIARKRNDEEDAKEELYSLVTVAEVPQEGLKGLGTKVVEDED
;
6
#
# COMPACT_ATOMS: atom_id res chain seq x y z
N ARG C 2 9.68 64.28 -1.20
CA ARG C 2 10.29 64.43 -2.55
C ARG C 2 11.73 63.92 -2.64
N PHE C 3 12.35 63.60 -1.51
CA PHE C 3 13.69 63.04 -1.58
C PHE C 3 13.61 61.80 -2.47
N ILE C 4 14.74 61.17 -2.77
CA ILE C 4 14.69 59.98 -3.61
C ILE C 4 14.92 58.74 -2.74
N CYS C 5 14.68 57.58 -3.35
CA CYS C 5 14.83 56.30 -2.66
C CYS C 5 16.04 55.50 -3.10
N ILE C 6 16.76 55.00 -2.11
CA ILE C 6 17.93 54.19 -2.35
C ILE C 6 17.82 52.96 -1.45
N TYR C 7 17.49 51.81 -2.05
CA TYR C 7 17.40 50.54 -1.31
C TYR C 7 18.73 49.76 -1.44
N PRO C 8 19.19 49.10 -0.38
CA PRO C 8 20.44 48.37 -0.53
C PRO C 8 20.43 47.39 -1.70
N ALA C 9 19.27 46.85 -2.05
CA ALA C 9 19.24 45.93 -3.16
C ALA C 9 19.87 46.59 -4.39
N TYR C 10 19.65 47.88 -4.54
CA TYR C 10 20.19 48.64 -5.66
C TYR C 10 21.71 48.49 -5.83
N LEU C 11 22.41 48.45 -4.69
CA LEU C 11 23.86 48.38 -4.65
C LEU C 11 24.40 47.02 -4.25
N ASN C 12 23.63 45.98 -4.47
CA ASN C 12 24.12 44.68 -4.01
C ASN C 12 24.65 43.84 -5.16
N ASN C 13 25.95 43.55 -5.13
CA ASN C 13 26.55 42.75 -6.20
C ASN C 13 26.13 41.29 -6.12
N LYS C 14 25.48 40.90 -5.03
CA LYS C 14 25.04 39.51 -4.88
C LYS C 14 23.62 39.34 -5.43
N LYS C 15 23.04 40.41 -5.96
CA LYS C 15 21.68 40.32 -6.48
C LYS C 15 21.65 40.40 -8.00
N THR C 16 20.72 39.70 -8.64
CA THR C 16 20.64 39.79 -10.08
C THR C 16 19.89 41.05 -10.43
N ILE C 17 19.58 41.25 -11.70
CA ILE C 17 18.85 42.43 -12.14
C ILE C 17 17.49 42.38 -11.51
N ALA C 18 16.73 41.37 -11.89
CA ALA C 18 15.38 41.17 -11.39
C ALA C 18 15.30 41.16 -9.86
N GLU C 19 16.42 40.93 -9.18
CA GLU C 19 16.40 40.92 -7.75
C GLU C 19 16.53 42.31 -7.18
N GLY C 20 16.74 43.29 -8.08
CA GLY C 20 16.79 44.70 -7.65
C GLY C 20 18.11 45.45 -7.85
N ARG C 21 19.11 44.86 -8.51
CA ARG C 21 20.39 45.56 -8.73
C ARG C 21 20.22 46.65 -9.78
N ARG C 22 20.80 47.81 -9.49
CA ARG C 22 20.68 48.95 -10.39
C ARG C 22 22.00 49.39 -11.03
N ILE C 23 23.11 48.88 -10.53
CA ILE C 23 24.39 49.27 -11.07
C ILE C 23 25.18 48.05 -11.51
N PRO C 24 26.12 48.21 -12.45
CA PRO C 24 26.93 47.09 -12.96
C PRO C 24 27.61 46.35 -11.82
N ILE C 25 27.68 45.03 -11.93
CA ILE C 25 28.32 44.24 -10.89
C ILE C 25 29.71 44.77 -10.60
N SER C 26 30.40 45.20 -11.66
CA SER C 26 31.75 45.72 -11.51
C SER C 26 31.82 46.85 -10.49
N LYS C 27 30.74 47.59 -10.34
CA LYS C 27 30.74 48.70 -9.39
C LYS C 27 29.93 48.39 -8.14
N ALA C 28 29.06 47.37 -8.22
CA ALA C 28 28.24 46.98 -7.08
C ALA C 28 29.10 46.60 -5.88
N VAL C 29 28.45 46.28 -4.77
CA VAL C 29 29.15 45.96 -3.54
C VAL C 29 28.63 44.72 -2.87
N GLU C 30 29.48 44.11 -2.04
CA GLU C 30 29.18 42.91 -1.29
C GLU C 30 27.79 43.04 -0.70
N ASN C 31 27.66 43.43 0.56
CA ASN C 31 26.31 43.55 1.10
C ASN C 31 26.16 44.88 1.77
N PRO C 32 25.85 45.90 0.97
CA PRO C 32 25.67 47.27 1.49
C PRO C 32 24.48 47.31 2.42
N THR C 33 24.62 48.05 3.50
CA THR C 33 23.54 48.18 4.45
C THR C 33 23.02 49.61 4.39
N ALA C 34 21.70 49.77 4.40
CA ALA C 34 21.14 51.11 4.35
C ALA C 34 21.95 52.06 5.25
N THR C 35 22.38 51.58 6.41
CA THR C 35 23.16 52.42 7.31
C THR C 35 24.39 52.97 6.60
N GLU C 36 25.24 52.06 6.12
CA GLU C 36 26.47 52.44 5.42
C GLU C 36 26.15 53.43 4.28
N ILE C 37 25.08 53.16 3.55
CA ILE C 37 24.69 54.05 2.47
C ILE C 37 24.47 55.45 3.01
N GLN C 38 23.72 55.56 4.10
CA GLN C 38 23.47 56.87 4.66
C GLN C 38 24.76 57.48 5.19
N ASP C 39 25.56 56.67 5.87
CA ASP C 39 26.81 57.20 6.42
C ASP C 39 27.78 57.77 5.39
N VAL C 40 27.76 57.28 4.16
CA VAL C 40 28.67 57.83 3.16
C VAL C 40 28.05 59.02 2.44
N CYS C 41 26.72 59.03 2.36
CA CYS C 41 26.04 60.13 1.69
C CYS C 41 26.03 61.37 2.56
N SER C 42 25.78 61.18 3.83
CA SER C 42 25.74 62.32 4.74
C SER C 42 27.10 62.96 4.84
N ALA C 43 28.14 62.16 4.56
CA ALA C 43 29.51 62.63 4.64
C ALA C 43 30.06 63.11 3.31
N VAL C 44 29.27 63.87 2.59
CA VAL C 44 29.70 64.39 1.30
C VAL C 44 28.98 65.71 1.12
N GLY C 45 28.04 65.95 2.04
CA GLY C 45 27.27 67.17 2.01
C GLY C 45 25.86 66.95 1.50
N LEU C 46 25.47 65.70 1.39
CA LEU C 46 24.13 65.36 0.92
C LEU C 46 23.14 65.38 2.06
N ASN C 47 21.94 65.89 1.78
CA ASN C 47 20.90 65.92 2.79
C ASN C 47 20.20 64.58 2.71
N VAL C 48 20.23 63.82 3.80
CA VAL C 48 19.62 62.51 3.77
C VAL C 48 19.18 61.97 5.13
N PHE C 49 18.11 61.17 5.12
CA PHE C 49 17.63 60.54 6.35
C PHE C 49 17.36 59.06 6.11
N LEU C 50 17.62 58.27 7.15
CA LEU C 50 17.46 56.81 7.11
C LEU C 50 16.11 56.26 7.55
N GLU C 51 15.46 55.53 6.66
CA GLU C 51 14.18 54.95 7.01
C GLU C 51 14.38 53.51 7.47
N LYS C 52 15.04 53.37 8.61
CA LYS C 52 15.40 52.11 9.28
C LYS C 52 14.51 50.90 9.04
N ASN C 53 13.19 51.03 9.11
CA ASN C 53 12.34 49.82 9.02
C ASN C 53 11.68 49.56 7.69
N LYS C 54 11.75 50.48 6.77
CA LYS C 54 11.13 50.17 5.49
C LYS C 54 11.81 48.92 4.89
N MET C 55 11.10 48.17 4.04
CA MET C 55 11.65 46.96 3.40
C MET C 55 11.41 46.93 1.89
N TYR C 56 12.44 46.58 1.12
CA TYR C 56 12.33 46.55 -0.34
C TYR C 56 11.44 45.40 -0.79
N SER C 57 10.44 45.71 -1.61
CA SER C 57 9.48 44.69 -2.04
C SER C 57 10.06 43.42 -2.64
N ARG C 58 11.18 43.53 -3.34
CA ARG C 58 11.81 42.36 -3.94
C ARG C 58 12.85 41.79 -3.00
N GLU C 59 12.59 41.80 -1.72
CA GLU C 59 13.55 41.30 -0.77
C GLU C 59 12.88 40.23 0.10
N TRP C 60 13.02 38.98 -0.31
CA TRP C 60 12.40 37.85 0.41
C TRP C 60 12.82 37.73 1.85
N ASN C 61 14.09 38.06 2.12
CA ASN C 61 14.65 37.98 3.47
C ASN C 61 14.02 39.03 4.40
N ARG C 62 14.07 38.80 5.71
CA ARG C 62 13.46 39.74 6.64
C ARG C 62 14.41 40.24 7.73
N ASP C 63 15.62 39.68 7.72
CA ASP C 63 16.70 40.01 8.66
C ASP C 63 16.90 41.55 8.71
N VAL C 64 17.89 42.01 9.48
CA VAL C 64 18.15 43.44 9.57
C VAL C 64 19.17 43.90 8.54
N GLN C 65 20.36 43.29 8.56
CA GLN C 65 21.41 43.63 7.60
C GLN C 65 20.85 43.77 6.20
N TYR C 66 19.69 43.16 6.00
CA TYR C 66 19.03 43.16 4.68
C TYR C 66 17.91 44.18 4.53
N ARG C 67 17.57 44.96 5.57
CA ARG C 67 16.45 45.94 5.38
C ARG C 67 16.73 47.37 5.79
N GLY C 68 15.79 48.24 5.43
CA GLY C 68 15.91 49.67 5.70
C GLY C 68 15.92 50.41 4.37
N ARG C 69 15.77 51.73 4.40
CA ARG C 69 15.76 52.53 3.16
C ARG C 69 16.46 53.85 3.43
N VAL C 70 17.02 54.47 2.40
CA VAL C 70 17.72 55.74 2.60
C VAL C 70 17.19 56.79 1.66
N ARG C 71 16.94 57.98 2.20
CA ARG C 71 16.38 59.10 1.43
C ARG C 71 17.27 60.33 1.30
N VAL C 72 17.60 60.70 0.06
CA VAL C 72 18.45 61.86 -0.18
C VAL C 72 17.81 62.93 -1.03
N GLN C 73 18.05 64.17 -0.64
CA GLN C 73 17.56 65.35 -1.34
C GLN C 73 18.50 65.71 -2.48
N LEU C 74 17.99 65.70 -3.69
CA LEU C 74 18.81 66.08 -4.83
C LEU C 74 18.62 67.56 -5.09
N LYS C 75 17.48 67.91 -5.65
CA LYS C 75 17.19 69.29 -5.96
C LYS C 75 16.71 70.04 -4.71
N GLN C 76 16.62 71.35 -4.84
CA GLN C 76 16.11 72.17 -3.77
C GLN C 76 14.78 72.73 -4.21
N GLU C 77 13.88 73.00 -3.29
CA GLU C 77 12.54 73.49 -3.63
C GLU C 77 12.52 74.42 -4.84
N ASP C 78 13.55 75.24 -5.00
CA ASP C 78 13.58 76.15 -6.13
C ASP C 78 13.88 75.38 -7.41
N GLY C 79 14.76 74.39 -7.34
CA GLY C 79 15.10 73.60 -8.50
C GLY C 79 16.57 73.23 -8.66
N SER C 80 17.45 74.08 -8.12
CA SER C 80 18.89 73.88 -8.21
C SER C 80 19.29 72.58 -7.53
N LEU C 81 20.22 71.84 -8.14
CA LEU C 81 20.68 70.60 -7.54
C LEU C 81 21.40 70.98 -6.26
N CYS C 82 21.34 70.12 -5.25
CA CYS C 82 22.01 70.41 -3.99
C CYS C 82 23.52 70.34 -4.16
N LEU C 83 23.98 69.37 -4.96
CA LEU C 83 25.41 69.21 -5.22
C LEU C 83 25.61 68.89 -6.70
N VAL C 84 26.14 69.86 -7.43
CA VAL C 84 26.40 69.77 -8.88
C VAL C 84 26.87 68.40 -9.37
N GLN C 85 27.69 67.74 -8.54
CA GLN C 85 28.24 66.43 -8.88
C GLN C 85 27.24 65.30 -8.73
N PHE C 86 26.01 65.63 -8.36
CA PHE C 86 24.98 64.63 -8.16
C PHE C 86 23.69 64.96 -8.87
N PRO C 87 23.65 64.78 -10.18
CA PRO C 87 22.45 65.06 -10.98
C PRO C 87 21.39 64.05 -10.63
N SER C 88 21.54 62.89 -11.26
CA SER C 88 20.65 61.72 -11.16
C SER C 88 20.70 60.97 -9.85
N ARG C 89 19.98 59.85 -9.83
CA ARG C 89 20.01 58.95 -8.69
C ARG C 89 21.19 58.02 -8.92
N LYS C 90 21.31 57.56 -10.15
CA LYS C 90 22.42 56.71 -10.56
C LYS C 90 23.71 57.28 -10.00
N SER C 91 23.84 58.60 -10.10
CA SER C 91 25.01 59.30 -9.60
C SER C 91 25.28 58.97 -8.13
N VAL C 92 24.24 58.99 -7.31
CA VAL C 92 24.41 58.70 -5.90
C VAL C 92 24.68 57.23 -5.68
N MET C 93 23.88 56.39 -6.33
CA MET C 93 24.06 54.96 -6.15
C MET C 93 25.55 54.67 -6.34
N LEU C 94 26.06 54.98 -7.53
CA LEU C 94 27.47 54.76 -7.86
C LEU C 94 28.44 55.35 -6.84
N TYR C 95 28.23 56.61 -6.47
CA TYR C 95 29.11 57.23 -5.52
C TYR C 95 29.14 56.41 -4.25
N ALA C 96 28.01 55.82 -3.90
CA ALA C 96 27.91 55.04 -2.67
C ALA C 96 28.61 53.70 -2.84
N ALA C 97 28.32 53.05 -3.96
CA ALA C 97 28.92 51.77 -4.25
C ALA C 97 30.44 51.86 -4.16
N GLU C 98 30.98 53.02 -4.50
CA GLU C 98 32.42 53.19 -4.47
C GLU C 98 33.02 53.50 -3.12
N MET C 99 32.29 54.25 -2.30
CA MET C 99 32.81 54.66 -1.00
C MET C 99 32.62 53.71 0.17
N ILE C 100 31.67 52.80 0.06
CA ILE C 100 31.43 51.89 1.16
C ILE C 100 32.60 50.91 1.42
N PRO C 101 33.17 50.33 0.36
CA PRO C 101 34.28 49.41 0.59
C PRO C 101 35.49 50.13 1.19
N LYS C 102 35.29 51.36 1.63
CA LYS C 102 36.38 52.12 2.23
C LYS C 102 36.07 52.41 3.69
N LEU C 103 34.79 52.40 4.04
CA LEU C 103 34.38 52.61 5.41
C LEU C 103 35.23 51.75 6.35
N LYS C 104 35.86 52.40 7.32
CA LYS C 104 36.72 51.70 8.28
C LYS C 104 36.05 50.41 8.73
N THR C 105 34.76 50.50 9.04
CA THR C 105 34.01 49.35 9.50
C THR C 105 34.07 48.16 8.54
N ARG C 106 34.56 48.38 7.32
CA ARG C 106 34.66 47.30 6.33
C ARG C 106 36.10 46.87 6.06
N THR C 107 37.02 47.82 6.21
CA THR C 107 38.43 47.54 5.98
C THR C 107 38.98 46.79 7.20
N GLN C 108 38.30 46.99 8.34
CA GLN C 108 38.63 46.37 9.63
C GLN C 108 39.47 45.10 9.54
N GLN D 1 -2.65 10.02 17.67
CA GLN D 1 -1.71 10.83 16.84
C GLN D 1 -2.30 12.17 16.43
N PHE D 2 -1.64 13.25 16.84
CA PHE D 2 -2.08 14.61 16.55
C PHE D 2 -1.14 15.29 15.55
N THR D 3 -1.59 15.42 14.30
CA THR D 3 -0.79 16.03 13.25
C THR D 3 -0.99 17.56 13.20
N LEU D 4 -0.31 18.22 12.28
CA LEU D 4 -0.43 19.66 12.14
C LEU D 4 -1.71 20.00 11.40
N ARG D 5 -2.18 19.07 10.58
CA ARG D 5 -3.42 19.26 9.83
C ARG D 5 -4.56 19.11 10.85
N ASP D 6 -4.38 18.20 11.81
CA ASP D 6 -5.34 17.98 12.87
C ASP D 6 -5.49 19.25 13.70
N MET D 7 -4.37 19.91 13.95
CA MET D 7 -4.39 21.15 14.71
C MET D 7 -5.07 22.23 13.87
N TYR D 8 -4.83 22.20 12.56
CA TYR D 8 -5.42 23.17 11.64
C TYR D 8 -6.94 23.07 11.71
N GLU D 9 -7.43 21.84 11.67
CA GLU D 9 -8.85 21.52 11.70
C GLU D 9 -9.53 21.92 13.01
N GLN D 10 -8.87 21.67 14.13
CA GLN D 10 -9.41 22.04 15.42
C GLN D 10 -9.55 23.55 15.49
N PHE D 11 -8.58 24.27 14.91
CA PHE D 11 -8.63 25.72 14.88
C PHE D 11 -9.83 26.21 14.07
N GLN D 12 -10.17 25.49 13.01
CA GLN D 12 -11.30 25.87 12.17
C GLN D 12 -12.61 25.73 12.95
N ASN D 13 -12.75 24.61 13.66
CA ASN D 13 -13.94 24.32 14.46
C ASN D 13 -14.12 25.28 15.63
N ILE D 14 -13.01 25.69 16.23
CA ILE D 14 -13.05 26.63 17.35
C ILE D 14 -13.46 28.03 16.89
N MET D 15 -12.97 28.45 15.72
CA MET D 15 -13.30 29.76 15.18
C MET D 15 -14.77 29.81 14.77
N LYS D 16 -15.22 28.72 14.16
CA LYS D 16 -16.60 28.56 13.68
C LYS D 16 -17.63 28.71 14.79
N MET D 17 -17.38 28.05 15.92
CA MET D 17 -18.28 28.10 17.06
C MET D 17 -18.13 29.36 17.91
N GLY D 18 -17.23 30.24 17.48
CA GLY D 18 -17.00 31.48 18.20
C GLY D 18 -18.20 32.40 18.29
N PRO D 19 -18.79 32.82 17.16
CA PRO D 19 -19.97 33.71 17.13
C PRO D 19 -21.10 33.14 18.00
N PHE D 20 -21.99 32.28 17.28
CA PHE D 20 -22.53 31.19 18.07
C PHE D 20 -22.53 31.58 19.53
N SER D 21 -21.79 31.96 19.90
CA SER D 21 -21.06 32.47 21.05
C SER D 21 -22.04 33.11 22.03
N GLN D 22 -23.12 33.64 21.47
CA GLN D 22 -24.16 34.27 22.27
C GLN D 22 -24.90 33.20 23.05
N ILE D 23 -25.28 32.13 22.35
CA ILE D 23 -26.00 31.00 22.93
C ILE D 23 -25.19 30.36 24.06
N LEU D 24 -23.88 30.21 23.83
CA LEU D 24 -22.98 29.62 24.82
C LEU D 24 -22.99 30.41 26.13
N GLY D 25 -23.15 31.74 26.02
CA GLY D 25 -23.18 32.58 27.21
C GLY D 25 -24.50 32.49 27.95
N MET D 26 -25.47 31.81 27.34
CA MET D 26 -26.81 31.65 27.92
C MET D 26 -27.03 30.26 28.52
N ILE D 27 -25.94 29.57 28.86
CA ILE D 27 -25.98 28.22 29.44
C ILE D 27 -25.19 28.17 30.75
N PRO D 28 -25.82 27.68 31.83
CA PRO D 28 -25.15 27.58 33.13
C PRO D 28 -24.11 26.46 33.25
N GLY D 29 -23.36 26.49 34.35
CA GLY D 29 -22.33 25.49 34.60
C GLY D 29 -20.92 25.93 34.27
N PHE D 30 -20.81 27.12 33.69
CA PHE D 30 -19.53 27.67 33.29
C PHE D 30 -18.93 28.65 34.30
N GLY D 31 -19.39 28.59 35.55
CA GLY D 31 -18.89 29.50 36.57
C GLY D 31 -19.32 30.95 36.36
N THR D 32 -18.74 31.85 37.15
CA THR D 32 -19.07 33.27 37.06
C THR D 32 -18.26 33.99 35.98
N ASP D 33 -18.89 34.97 35.34
CA ASP D 33 -18.27 35.77 34.28
C ASP D 33 -17.72 34.92 33.14
N PHE D 34 -18.62 34.17 32.51
CA PHE D 34 -18.22 33.30 31.40
C PHE D 34 -18.14 34.08 30.10
N MET D 35 -16.90 34.27 29.64
CA MET D 35 -16.61 35.01 28.41
C MET D 35 -16.99 36.49 28.54
N SER D 36 -16.26 37.19 29.41
CA SER D 36 -16.51 38.60 29.65
C SER D 36 -15.21 39.34 29.95
N LYS D 37 -15.69 40.47 29.44
CA LYS D 37 -14.62 41.00 28.60
C LYS D 37 -14.83 40.84 27.09
N GLY D 38 -13.97 39.44 26.97
CA GLY D 38 -13.90 40.37 25.85
C GLY D 38 -12.73 40.22 24.91
N ASN D 39 -11.97 39.14 25.09
CA ASN D 39 -10.81 38.86 24.25
C ASN D 39 -11.12 37.64 23.40
N GLU D 40 -12.21 37.71 22.65
CA GLU D 40 -12.58 36.58 21.80
C GLU D 40 -12.32 36.96 20.36
N GLN D 41 -12.30 38.26 20.07
CA GLN D 41 -12.04 38.73 18.71
C GLN D 41 -10.54 38.68 18.42
N GLU D 42 -9.72 39.11 19.38
CA GLU D 42 -8.27 39.10 19.25
C GLU D 42 -7.76 37.67 19.24
N SER D 43 -8.35 36.85 20.09
CA SER D 43 -7.96 35.45 20.22
C SER D 43 -8.19 34.66 18.95
N MET D 44 -9.27 34.97 18.24
CA MET D 44 -9.57 34.28 17.00
C MET D 44 -8.69 34.76 15.85
N ALA D 45 -8.30 36.04 15.87
CA ALA D 45 -7.44 36.61 14.84
C ALA D 45 -6.06 35.92 14.90
N ARG D 46 -5.71 35.43 16.09
CA ARG D 46 -4.46 34.73 16.33
C ARG D 46 -4.48 33.36 15.67
N LEU D 47 -5.54 32.60 15.92
CA LEU D 47 -5.68 31.28 15.32
C LEU D 47 -5.64 31.38 13.80
N LYS D 48 -6.25 32.43 13.26
CA LYS D 48 -6.29 32.63 11.82
C LYS D 48 -4.90 32.88 11.25
N LYS D 49 -4.06 33.59 12.00
CA LYS D 49 -2.71 33.87 11.54
C LYS D 49 -1.86 32.60 11.57
N LEU D 50 -2.13 31.72 12.53
CA LEU D 50 -1.40 30.47 12.62
C LEU D 50 -1.82 29.56 11.47
N MET D 51 -3.07 29.70 11.07
CA MET D 51 -3.63 28.93 9.97
C MET D 51 -2.99 29.38 8.67
N THR D 52 -2.74 30.68 8.54
CA THR D 52 -2.12 31.18 7.33
C THR D 52 -0.67 30.70 7.22
N ILE D 53 -0.04 30.44 8.37
CA ILE D 53 1.33 29.95 8.38
C ILE D 53 1.32 28.48 7.93
N MET D 54 0.33 27.72 8.40
CA MET D 54 0.21 26.31 8.00
C MET D 54 -0.25 26.19 6.55
N ASP D 55 -0.73 27.30 5.98
CA ASP D 55 -1.18 27.32 4.58
C ASP D 55 0.05 27.29 3.67
N SER D 56 1.19 27.66 4.25
CA SER D 56 2.48 27.67 3.55
C SER D 56 3.20 26.34 3.65
N MET D 57 2.67 25.44 4.47
CA MET D 57 3.26 24.11 4.64
C MET D 57 2.69 23.20 3.56
N ASN D 58 3.30 22.02 3.38
CA ASN D 58 2.82 21.09 2.37
C ASN D 58 2.26 19.83 3.02
N ASP D 59 1.70 18.95 2.20
CA ASP D 59 1.08 17.72 2.70
C ASP D 59 1.98 16.85 3.57
N GLN D 60 3.25 16.74 3.20
CA GLN D 60 4.19 15.91 3.96
C GLN D 60 4.31 16.45 5.39
N GLU D 61 4.51 17.75 5.49
CA GLU D 61 4.64 18.41 6.76
C GLU D 61 3.34 18.42 7.57
N LEU D 62 2.21 18.56 6.88
CA LEU D 62 0.89 18.60 7.52
C LEU D 62 0.37 17.26 8.04
N ASP D 63 0.63 16.18 7.30
CA ASP D 63 0.16 14.85 7.69
C ASP D 63 1.20 14.00 8.40
N SER D 64 2.36 14.60 8.66
CA SER D 64 3.45 13.92 9.36
C SER D 64 3.05 13.62 10.80
N THR D 65 3.41 12.42 11.29
CA THR D 65 3.10 12.02 12.66
C THR D 65 3.66 13.05 13.65
N ASP D 66 4.78 13.65 13.28
CA ASP D 66 5.42 14.68 14.08
C ASP D 66 5.93 15.78 13.14
N GLY D 67 5.05 16.74 12.84
CA GLY D 67 5.41 17.83 11.95
C GLY D 67 6.55 18.69 12.43
N ALA D 68 6.75 18.76 13.74
CA ALA D 68 7.84 19.57 14.30
C ALA D 68 9.19 18.93 13.96
N LYS D 69 9.19 17.60 13.90
CA LYS D 69 10.39 16.83 13.59
C LYS D 69 10.84 17.02 12.14
N VAL D 70 9.87 17.13 11.22
CA VAL D 70 10.17 17.32 9.81
C VAL D 70 10.94 18.60 9.55
N PHE D 71 10.79 19.56 10.47
CA PHE D 71 11.49 20.85 10.34
C PHE D 71 12.81 20.88 11.11
N SER D 72 13.01 19.92 12.01
CA SER D 72 14.24 19.81 12.79
C SER D 72 15.33 19.20 11.92
N LYS D 73 14.92 18.26 11.06
CA LYS D 73 15.81 17.57 10.14
C LYS D 73 16.05 18.37 8.87
N GLN D 74 15.09 19.20 8.48
CA GLN D 74 15.21 20.01 7.27
C GLN D 74 14.87 21.48 7.56
N PRO D 75 15.73 22.18 8.33
CA PRO D 75 15.48 23.59 8.66
C PRO D 75 15.33 24.54 7.48
N GLY D 76 15.59 24.04 6.28
CA GLY D 76 15.42 24.87 5.10
C GLY D 76 13.94 25.13 4.89
N ARG D 77 13.13 24.13 5.23
CA ARG D 77 11.67 24.20 5.12
C ARG D 77 11.06 25.33 5.95
N ILE D 78 11.66 25.62 7.10
CA ILE D 78 11.20 26.69 7.98
C ILE D 78 11.27 28.03 7.25
N GLN D 79 12.37 28.24 6.53
CA GLN D 79 12.61 29.47 5.79
C GLN D 79 11.55 29.73 4.71
N ARG D 80 11.14 28.67 4.00
CA ARG D 80 10.13 28.75 2.94
C ARG D 80 8.74 29.14 3.47
N VAL D 81 8.29 28.42 4.50
CA VAL D 81 7.00 28.65 5.16
C VAL D 81 6.89 30.11 5.60
N ALA D 82 7.97 30.62 6.17
CA ALA D 82 8.04 32.01 6.65
C ALA D 82 7.94 32.99 5.50
N ARG D 83 8.59 32.68 4.38
CA ARG D 83 8.57 33.55 3.21
C ARG D 83 7.16 33.68 2.65
N GLY D 84 6.52 32.53 2.43
CA GLY D 84 5.18 32.47 1.88
C GLY D 84 4.08 33.08 2.73
N SER D 85 4.21 32.98 4.04
CA SER D 85 3.20 33.53 4.94
C SER D 85 3.45 34.95 5.44
N GLY D 86 4.48 35.62 4.94
CA GLY D 86 4.78 36.99 5.36
C GLY D 86 5.11 37.11 6.85
N VAL D 87 5.60 36.02 7.42
CA VAL D 87 5.96 35.94 8.83
C VAL D 87 7.49 35.74 8.99
N SER D 88 8.00 35.86 10.22
CA SER D 88 9.43 35.68 10.46
C SER D 88 9.76 34.24 10.79
N THR D 89 11.04 33.92 10.71
CA THR D 89 11.53 32.58 11.01
C THR D 89 11.13 32.18 12.43
N ARG D 90 11.26 33.11 13.37
CA ARG D 90 10.91 32.82 14.77
C ARG D 90 9.43 32.47 14.91
N ASP D 91 8.56 33.18 14.19
CA ASP D 91 7.12 32.93 14.24
C ASP D 91 6.75 31.50 13.87
N VAL D 92 7.46 30.93 12.92
CA VAL D 92 7.22 29.56 12.49
C VAL D 92 7.71 28.55 13.54
N GLN D 93 8.83 28.87 14.19
CA GLN D 93 9.36 27.97 15.22
C GLN D 93 8.43 28.03 16.43
N GLU D 94 7.82 29.20 16.65
CA GLU D 94 6.87 29.41 17.75
C GLU D 94 5.65 28.53 17.53
N LEU D 95 5.10 28.60 16.31
CA LEU D 95 3.96 27.78 15.94
C LEU D 95 4.32 26.32 16.17
N LEU D 96 5.51 25.94 15.75
CA LEU D 96 5.98 24.55 15.90
C LEU D 96 6.09 24.13 17.35
N THR D 97 6.54 25.05 18.20
CA THR D 97 6.68 24.75 19.62
C THR D 97 5.27 24.60 20.23
N GLN D 98 4.38 25.52 19.87
CA GLN D 98 2.99 25.49 20.35
C GLN D 98 2.32 24.19 19.91
N TYR D 99 2.54 23.80 18.66
CA TYR D 99 1.99 22.56 18.14
C TYR D 99 2.48 21.38 18.97
N THR D 100 3.74 21.45 19.38
CA THR D 100 4.36 20.40 20.17
C THR D 100 3.65 20.23 21.50
N LYS D 101 3.43 21.35 22.18
CA LYS D 101 2.75 21.39 23.48
C LYS D 101 1.29 20.95 23.34
N PHE D 102 0.67 21.32 22.22
CA PHE D 102 -0.72 20.98 21.93
C PHE D 102 -0.86 19.47 21.76
N ALA D 103 -0.01 18.90 20.92
CA ALA D 103 -0.01 17.47 20.64
C ALA D 103 0.34 16.62 21.86
N GLN D 104 1.18 17.15 22.74
CA GLN D 104 1.56 16.43 23.94
C GLN D 104 0.32 16.16 24.78
N MET D 105 -0.38 17.23 25.12
CA MET D 105 -1.60 17.15 25.93
C MET D 105 -2.76 16.39 25.28
N VAL D 106 -2.82 16.37 23.95
CA VAL D 106 -3.87 15.64 23.23
C VAL D 106 -3.72 14.14 23.46
N LYS D 107 -2.48 13.65 23.57
CA LYS D 107 -2.26 12.23 23.81
C LYS D 107 -2.38 11.97 25.31
N LYS D 108 -2.26 13.05 26.10
CA LYS D 108 -2.40 13.00 27.55
C LYS D 108 -3.90 13.14 27.88
N MET D 109 -4.70 13.35 26.83
CA MET D 109 -6.15 13.52 26.91
C MET D 109 -6.85 12.15 26.80
N HIS E 8 0.68 -42.02 -49.06
CA HIS E 8 2.06 -41.58 -48.69
C HIS E 8 2.11 -41.26 -47.19
N SER E 9 1.81 -40.03 -46.80
CA SER E 9 1.85 -39.72 -45.38
C SER E 9 0.62 -40.31 -44.66
N MET E 10 4.44 -44.27 -61.36
CA MET E 10 5.09 -43.02 -61.00
C MET E 10 4.91 -42.53 -59.55
N VAL E 11 3.76 -42.86 -58.99
CA VAL E 11 3.43 -42.44 -57.64
C VAL E 11 2.71 -43.61 -57.01
N ASP E 12 2.90 -43.83 -55.71
CA ASP E 12 2.21 -44.93 -55.06
C ASP E 12 1.19 -44.40 -54.05
N PHE E 13 1.26 -43.11 -53.81
CA PHE E 13 0.37 -42.49 -52.85
C PHE E 13 0.15 -41.02 -53.23
N PHE E 14 -1.08 -40.56 -53.08
CA PHE E 14 -1.39 -39.18 -53.41
C PHE E 14 -2.66 -38.73 -52.72
N THR E 15 -2.55 -37.65 -51.97
CA THR E 15 -3.71 -37.16 -51.29
C THR E 15 -3.78 -35.66 -51.39
N ILE E 16 -5.00 -35.15 -51.46
CA ILE E 16 -5.24 -33.73 -51.56
C ILE E 16 -6.17 -33.35 -50.40
N PHE E 17 -5.72 -32.43 -49.54
CA PHE E 17 -6.52 -31.99 -48.42
C PHE E 17 -6.44 -30.49 -48.19
N SER E 18 -7.46 -29.92 -47.53
CA SER E 18 -7.46 -28.47 -47.29
C SER E 18 -6.52 -28.17 -46.14
N LYS E 19 -6.05 -26.93 -46.07
CA LYS E 19 -5.18 -26.55 -44.96
C LYS E 19 -5.96 -26.64 -43.63
N GLY E 20 -7.29 -26.62 -43.74
CA GLY E 20 -8.15 -26.74 -42.58
C GLY E 20 -8.08 -28.15 -42.04
N GLY E 21 -7.54 -29.08 -42.84
CA GLY E 21 -7.39 -30.47 -42.42
C GLY E 21 -8.37 -31.47 -43.03
N LEU E 22 -9.21 -31.00 -43.93
CA LEU E 22 -10.18 -31.87 -44.58
C LEU E 22 -9.62 -32.65 -45.78
N VAL E 23 -9.61 -33.98 -45.72
CA VAL E 23 -9.11 -34.74 -46.87
C VAL E 23 -10.20 -34.65 -47.96
N LEU E 24 -9.85 -34.18 -49.15
CA LEU E 24 -10.86 -34.04 -50.22
C LEU E 24 -10.83 -35.21 -51.19
N TRP E 25 -9.65 -35.74 -51.43
CA TRP E 25 -9.51 -36.86 -52.35
C TRP E 25 -8.15 -37.49 -52.15
N CYS E 26 -8.04 -38.80 -52.33
CA CYS E 26 -6.75 -39.44 -52.19
C CYS E 26 -6.68 -40.70 -53.07
N PHE E 27 -5.48 -41.02 -53.53
CA PHE E 27 -5.25 -42.18 -54.36
C PHE E 27 -4.19 -43.06 -53.72
N GLN E 28 -4.38 -44.38 -53.83
CA GLN E 28 -3.42 -45.36 -53.28
C GLN E 28 -3.53 -46.66 -54.08
N GLY E 29 -3.18 -46.56 -55.37
CA GLY E 29 -3.27 -47.69 -56.29
C GLY E 29 -4.68 -47.81 -56.84
N VAL E 30 -4.84 -48.49 -57.97
CA VAL E 30 -6.18 -48.68 -58.52
C VAL E 30 -6.68 -49.91 -57.73
N SER E 31 -6.01 -50.14 -56.60
CA SER E 31 -6.28 -51.23 -55.67
C SER E 31 -7.51 -50.96 -54.82
N ASP E 32 -7.54 -49.78 -54.18
CA ASP E 32 -8.68 -49.39 -53.34
C ASP E 32 -8.53 -47.98 -52.82
N SER E 33 -9.10 -47.74 -51.64
CA SER E 33 -9.05 -46.45 -50.96
C SER E 33 -7.66 -46.24 -50.37
N CYS E 34 -7.46 -45.13 -49.65
CA CYS E 34 -6.16 -44.85 -49.08
C CYS E 34 -6.04 -45.28 -47.64
N THR E 35 -5.14 -46.23 -47.38
CA THR E 35 -4.92 -46.73 -46.03
C THR E 35 -3.60 -46.22 -45.43
N GLY E 36 -2.96 -45.28 -46.13
CA GLY E 36 -1.75 -44.69 -45.60
C GLY E 36 -0.41 -44.97 -46.27
N PRO E 37 2.50 -40.87 -41.11
CA PRO E 37 3.58 -40.13 -41.79
C PRO E 37 3.13 -38.78 -42.33
N VAL E 38 1.94 -38.71 -42.88
CA VAL E 38 1.45 -37.44 -43.40
C VAL E 38 1.42 -36.35 -42.34
N ASN E 39 0.85 -36.63 -41.16
CA ASN E 39 0.84 -35.63 -40.11
C ASN E 39 2.23 -35.35 -39.63
N ALA E 40 3.11 -36.34 -39.71
CA ALA E 40 4.48 -36.15 -39.28
C ALA E 40 5.15 -35.18 -40.28
N LEU E 41 4.82 -35.29 -41.57
CA LEU E 41 5.41 -34.41 -42.55
C LEU E 41 4.90 -32.98 -42.34
N ILE E 42 3.62 -32.84 -41.97
CA ILE E 42 3.02 -31.54 -41.74
C ILE E 42 3.58 -30.87 -40.51
N ARG E 43 3.71 -31.61 -39.42
CA ARG E 43 4.22 -31.06 -38.18
C ARG E 43 5.73 -30.83 -38.14
N SER E 44 6.49 -31.75 -38.73
CA SER E 44 7.93 -31.64 -38.71
C SER E 44 8.56 -30.80 -39.82
N VAL E 45 7.88 -30.68 -40.96
CA VAL E 45 8.43 -29.89 -42.06
C VAL E 45 7.61 -28.66 -42.40
N LEU E 46 6.38 -28.84 -42.84
CA LEU E 46 5.54 -27.72 -43.22
C LEU E 46 5.41 -26.62 -42.12
N LEU E 47 5.06 -27.01 -40.89
CA LEU E 47 4.89 -26.06 -39.79
C LEU E 47 6.21 -25.72 -39.12
N GLN E 48 7.31 -25.80 -39.86
CA GLN E 48 8.62 -25.52 -39.29
C GLN E 48 9.46 -24.66 -40.23
N GLU E 49 8.82 -23.73 -40.92
CA GLU E 49 9.52 -22.84 -41.84
C GLU E 49 8.56 -21.99 -42.67
N THR E 57 13.70 -25.03 -52.11
CA THR E 57 12.72 -26.08 -51.82
C THR E 57 12.63 -26.42 -50.32
N HIS E 58 11.53 -27.07 -49.93
CA HIS E 58 11.36 -27.48 -48.53
C HIS E 58 11.63 -28.99 -48.40
N GLU E 59 11.89 -29.45 -47.18
CA GLU E 59 12.18 -30.87 -46.96
C GLU E 59 11.04 -31.86 -47.25
N ALA E 60 11.42 -33.12 -47.45
CA ALA E 60 10.48 -34.22 -47.71
C ALA E 60 10.69 -35.20 -46.61
N LEU E 61 9.87 -36.23 -46.58
CA LEU E 61 9.99 -37.23 -45.56
C LEU E 61 10.29 -38.55 -46.26
N THR E 62 9.44 -41.70 -50.79
CA THR E 62 9.67 -40.29 -50.48
C THR E 62 8.29 -39.63 -50.42
N LEU E 63 8.06 -38.88 -49.37
CA LEU E 63 6.80 -38.19 -49.15
C LEU E 63 7.06 -36.70 -49.20
N LYS E 64 6.50 -36.02 -50.19
CA LYS E 64 6.70 -34.58 -50.29
C LYS E 64 5.34 -33.89 -50.47
N TYR E 65 5.31 -32.60 -50.24
CA TYR E 65 4.06 -31.87 -50.40
C TYR E 65 4.21 -30.65 -51.29
N LYS E 66 3.08 -30.13 -51.71
CA LYS E 66 3.06 -28.94 -52.51
C LYS E 66 1.85 -28.14 -52.00
N LEU E 67 1.95 -26.82 -51.98
CA LEU E 67 0.85 -26.01 -51.49
C LEU E 67 0.17 -25.13 -52.52
N ASP E 68 -1.09 -24.83 -52.24
CA ASP E 68 -1.85 -23.90 -53.05
C ASP E 68 -2.29 -22.94 -51.96
N ASN E 69 -1.59 -21.82 -51.84
CA ASN E 69 -1.93 -20.87 -50.78
C ASN E 69 -3.14 -19.99 -51.03
N GLN E 70 -3.50 -19.84 -52.28
CA GLN E 70 -4.65 -19.01 -52.65
C GLN E 70 -5.94 -19.68 -52.16
N PHE E 71 -6.11 -20.96 -52.49
CA PHE E 71 -7.31 -21.69 -52.10
C PHE E 71 -7.10 -22.64 -50.93
N GLU E 72 -5.96 -22.55 -50.25
CA GLU E 72 -5.67 -23.37 -49.09
C GLU E 72 -5.70 -24.88 -49.28
N LEU E 73 -4.86 -25.37 -50.19
CA LEU E 73 -4.80 -26.81 -50.47
C LEU E 73 -3.38 -27.31 -50.26
N VAL E 74 -3.30 -28.60 -49.92
CA VAL E 74 -2.04 -29.29 -49.69
C VAL E 74 -2.08 -30.57 -50.54
N PHE E 75 -0.99 -30.80 -51.27
CA PHE E 75 -0.89 -32.00 -52.09
C PHE E 75 0.25 -32.81 -51.53
N VAL E 76 -0.03 -34.04 -51.09
CA VAL E 76 1.01 -34.90 -50.56
C VAL E 76 1.15 -36.14 -51.41
N VAL E 77 2.38 -36.41 -51.82
CA VAL E 77 2.67 -37.51 -52.69
C VAL E 77 3.80 -38.37 -52.17
N GLY E 78 3.64 -39.68 -52.33
CA GLY E 78 4.65 -40.64 -51.92
C GLY E 78 5.06 -41.42 -53.16
N PHE E 79 6.36 -41.45 -53.43
CA PHE E 79 6.84 -42.13 -54.61
C PHE E 79 8.20 -42.78 -54.39
N GLN E 80 8.54 -43.71 -55.26
CA GLN E 80 9.83 -44.43 -55.20
C GLN E 80 10.81 -43.78 -56.16
N LYS E 81 12.10 -44.00 -55.92
CA LYS E 81 13.17 -43.49 -56.78
C LYS E 81 13.27 -41.99 -56.79
N ILE E 82 14.08 -41.45 -55.90
CA ILE E 82 14.27 -40.02 -55.79
C ILE E 82 14.59 -39.30 -57.12
N LEU E 83 15.27 -39.98 -58.05
CA LEU E 83 15.65 -39.36 -59.33
C LEU E 83 14.51 -39.10 -60.30
N THR E 84 13.33 -39.66 -60.05
CA THR E 84 12.17 -39.40 -60.91
C THR E 84 11.43 -38.16 -60.42
N LEU E 85 11.98 -37.48 -59.41
CA LEU E 85 11.37 -36.28 -58.82
C LEU E 85 10.81 -35.22 -59.77
N THR E 86 11.50 -35.03 -60.88
CA THR E 86 11.12 -34.07 -61.89
C THR E 86 9.79 -34.51 -62.52
N TYR E 87 9.68 -35.78 -62.88
CA TYR E 87 8.42 -36.26 -63.46
C TYR E 87 7.28 -36.20 -62.44
N VAL E 88 7.56 -36.57 -61.19
CA VAL E 88 6.56 -36.54 -60.14
C VAL E 88 6.13 -35.09 -59.94
N ASP E 89 7.10 -34.18 -59.89
CA ASP E 89 6.76 -32.78 -59.72
C ASP E 89 5.86 -32.26 -60.86
N LYS E 90 6.07 -32.74 -62.08
CA LYS E 90 5.22 -32.32 -63.18
C LYS E 90 3.82 -32.90 -63.00
N LEU E 91 3.73 -34.16 -62.56
CA LEU E 91 2.44 -34.78 -62.32
C LEU E 91 1.69 -33.94 -61.27
N ILE E 92 2.40 -33.47 -60.25
CA ILE E 92 1.79 -32.69 -59.20
C ILE E 92 1.23 -31.39 -59.80
N ASP E 93 2.06 -30.70 -60.59
CA ASP E 93 1.62 -29.46 -61.23
C ASP E 93 0.41 -29.66 -62.14
N ASP E 94 0.40 -30.74 -62.91
CA ASP E 94 -0.74 -31.00 -63.78
C ASP E 94 -2.00 -31.32 -62.98
N VAL E 95 -1.82 -32.04 -61.88
CA VAL E 95 -2.93 -32.42 -61.00
C VAL E 95 -3.48 -31.17 -60.32
N HIS E 96 -2.57 -30.29 -59.92
CA HIS E 96 -2.92 -29.06 -59.25
C HIS E 96 -3.75 -28.16 -60.16
N ARG E 97 -3.23 -27.92 -61.37
CA ARG E 97 -3.90 -27.07 -62.35
C ARG E 97 -5.30 -27.58 -62.67
N LEU E 98 -5.42 -28.88 -62.91
CA LEU E 98 -6.71 -29.45 -63.22
C LEU E 98 -7.68 -29.39 -62.02
N PHE E 99 -7.19 -29.75 -60.84
CA PHE E 99 -8.00 -29.79 -59.63
C PHE E 99 -8.57 -28.41 -59.34
N ARG E 100 -7.68 -27.42 -59.39
CA ARG E 100 -8.02 -26.04 -59.14
C ARG E 100 -9.02 -25.46 -60.17
N ASP E 101 -9.05 -26.01 -61.39
CA ASP E 101 -10.00 -25.52 -62.41
C ASP E 101 -11.32 -26.27 -62.31
N LYS E 102 -11.23 -27.59 -62.30
CA LYS E 102 -12.41 -28.44 -62.22
C LYS E 102 -13.25 -28.15 -60.97
N TYR E 103 -12.61 -27.81 -59.85
CA TYR E 103 -13.30 -27.57 -58.60
C TYR E 103 -13.17 -26.17 -58.04
N ARG E 104 -12.91 -25.19 -58.92
CA ARG E 104 -12.74 -23.83 -58.46
C ARG E 104 -13.91 -23.33 -57.63
N THR E 105 -15.11 -23.64 -58.06
CA THR E 105 -16.27 -23.19 -57.33
C THR E 105 -16.24 -23.67 -55.89
N GLU E 106 -16.05 -24.98 -55.69
CA GLU E 106 -15.99 -25.54 -54.33
C GLU E 106 -14.84 -25.04 -53.46
N ILE E 107 -13.68 -24.77 -54.05
CA ILE E 107 -12.55 -24.34 -53.26
C ILE E 107 -12.34 -22.85 -53.02
N GLN E 108 -12.90 -21.97 -53.85
CA GLN E 108 -12.67 -20.52 -53.64
C GLN E 108 -13.51 -19.95 -52.53
N GLN E 109 -14.63 -20.58 -52.24
CA GLN E 109 -15.52 -20.12 -51.19
C GLN E 109 -14.84 -20.22 -49.82
N GLN E 110 -15.21 -19.31 -48.93
CA GLN E 110 -14.63 -19.27 -47.60
C GLN E 110 -15.22 -20.35 -46.69
N SER E 111 -16.51 -20.54 -46.74
CA SER E 111 -17.15 -21.51 -45.87
C SER E 111 -16.64 -22.93 -46.10
N ALA E 112 -16.42 -23.67 -45.03
CA ALA E 112 -15.97 -25.05 -45.12
C ALA E 112 -17.09 -25.94 -45.70
N LEU E 113 -18.34 -25.50 -45.54
CA LEU E 113 -19.48 -26.27 -46.06
C LEU E 113 -19.26 -26.48 -47.56
N SER E 114 -18.63 -25.50 -48.19
CA SER E 114 -18.38 -25.61 -49.60
C SER E 114 -17.51 -26.81 -49.96
N LEU E 115 -16.58 -27.20 -49.07
CA LEU E 115 -15.71 -28.37 -49.32
C LEU E 115 -16.44 -29.59 -48.83
N LEU E 116 -17.17 -29.41 -47.73
CA LEU E 116 -17.91 -30.53 -47.13
C LEU E 116 -19.04 -31.03 -48.02
N ASN E 117 -19.68 -30.12 -48.75
CA ASN E 117 -20.79 -30.55 -49.62
C ASN E 117 -20.38 -30.82 -51.07
N GLY E 118 -19.09 -30.69 -51.38
CA GLY E 118 -18.65 -30.96 -52.73
C GLY E 118 -18.35 -32.44 -52.92
N THR E 119 -18.48 -32.92 -54.14
CA THR E 119 -18.16 -34.31 -54.44
C THR E 119 -16.91 -34.19 -55.30
N PHE E 120 -15.80 -34.70 -54.79
CA PHE E 120 -14.53 -34.61 -55.49
C PHE E 120 -14.21 -35.96 -56.13
N ASP E 121 -14.93 -36.28 -57.21
CA ASP E 121 -14.69 -37.55 -57.87
C ASP E 121 -13.62 -37.31 -58.94
N PHE E 122 -12.37 -37.32 -58.46
CA PHE E 122 -11.20 -37.01 -59.26
C PHE E 122 -10.42 -38.24 -59.75
N GLN E 123 -10.75 -39.42 -59.24
CA GLN E 123 -10.03 -40.62 -59.62
C GLN E 123 -9.74 -40.69 -61.11
N ASN E 124 -10.79 -40.69 -61.92
CA ASN E 124 -10.61 -40.77 -63.37
C ASN E 124 -9.73 -39.72 -64.00
N ASP E 125 -9.91 -38.45 -63.66
CA ASP E 125 -9.02 -37.42 -64.24
C ASP E 125 -7.57 -37.63 -63.78
N PHE E 126 -7.41 -38.21 -62.58
CA PHE E 126 -6.09 -38.46 -62.03
C PHE E 126 -5.38 -39.61 -62.75
N LEU E 127 -6.05 -40.75 -62.89
CA LEU E 127 -5.47 -41.89 -63.58
C LEU E 127 -5.08 -41.44 -64.97
N ARG E 128 -5.91 -40.61 -65.57
CA ARG E 128 -5.60 -40.12 -66.90
C ARG E 128 -4.26 -39.35 -66.88
N LEU E 129 -4.10 -38.44 -65.92
CA LEU E 129 -2.87 -37.65 -65.84
C LEU E 129 -1.68 -38.50 -65.43
N LEU E 130 -1.93 -39.58 -64.71
CA LEU E 130 -0.86 -40.46 -64.26
C LEU E 130 -0.41 -41.31 -65.45
N ARG E 131 -1.38 -41.91 -66.11
CA ARG E 131 -1.16 -42.76 -67.27
C ARG E 131 -0.46 -41.93 -68.34
N GLU E 132 -0.77 -40.64 -68.34
CA GLU E 132 -0.21 -39.73 -69.32
C GLU E 132 1.19 -39.26 -68.95
N ALA E 133 1.49 -39.17 -67.65
CA ALA E 133 2.81 -38.72 -67.20
C ALA E 133 3.80 -39.86 -67.31
N GLU E 134 3.28 -41.09 -67.35
CA GLU E 134 4.13 -42.25 -67.45
C GLU E 134 4.53 -42.55 -68.90
N GLU E 135 4.20 -41.64 -69.81
CA GLU E 135 4.55 -41.78 -71.23
C GLU E 135 5.64 -40.77 -71.52
N SER E 136 5.50 -39.58 -70.92
CA SER E 136 6.46 -38.49 -71.08
C SER E 136 7.75 -38.77 -70.35
N SER E 137 7.70 -39.81 -69.52
CA SER E 137 8.84 -40.24 -68.72
C SER E 137 9.61 -41.35 -69.45
N LYS E 138 8.86 -42.36 -69.91
CA LYS E 138 9.45 -43.47 -70.64
C LYS E 138 10.22 -42.84 -71.79
N ILE E 139 9.51 -42.07 -72.62
CA ILE E 139 10.12 -41.36 -73.75
C ILE E 139 11.11 -40.30 -73.21
N ARG F 8 -22.94 -14.93 -33.22
CA ARG F 8 -21.46 -14.75 -33.12
C ARG F 8 -20.67 -16.08 -33.23
N ALA F 9 -19.38 -16.00 -33.04
CA ALA F 9 -18.50 -17.14 -33.18
C ALA F 9 -18.32 -18.05 -31.97
N VAL F 10 -18.17 -19.34 -32.28
CA VAL F 10 -17.89 -20.36 -31.29
C VAL F 10 -16.52 -20.91 -31.72
N LEU F 11 -15.50 -20.73 -30.88
CA LEU F 11 -14.17 -21.23 -31.18
C LEU F 11 -13.91 -22.63 -30.63
N PHE F 12 -13.43 -23.53 -31.47
CA PHE F 12 -13.08 -24.89 -31.03
C PHE F 12 -11.55 -24.88 -30.92
N VAL F 13 -11.05 -25.17 -29.73
CA VAL F 13 -9.61 -25.15 -29.47
C VAL F 13 -9.26 -26.39 -28.68
N GLY F 14 -7.98 -26.74 -28.65
CA GLY F 14 -7.54 -27.93 -27.94
C GLY F 14 -6.27 -28.45 -28.56
N LEU F 15 -5.61 -29.39 -27.89
CA LEU F 15 -4.37 -29.93 -28.41
C LEU F 15 -4.60 -30.61 -29.74
N CYS F 16 -3.52 -30.85 -30.46
CA CYS F 16 -3.59 -31.56 -31.74
C CYS F 16 -4.23 -32.91 -31.48
N ASP F 17 -5.01 -33.40 -32.44
CA ASP F 17 -5.66 -34.69 -32.29
C ASP F 17 -6.75 -34.80 -31.24
N SER F 18 -7.21 -33.69 -30.68
CA SER F 18 -8.26 -33.84 -29.68
C SER F 18 -9.60 -34.13 -30.38
N GLY F 19 -9.70 -33.77 -31.68
CA GLY F 19 -10.89 -34.03 -32.47
C GLY F 19 -11.67 -32.80 -32.91
N LYS F 20 -11.03 -31.63 -32.90
CA LYS F 20 -11.72 -30.40 -33.23
C LYS F 20 -12.32 -30.41 -34.61
N THR F 21 -11.53 -30.79 -35.62
CA THR F 21 -12.02 -30.80 -36.97
C THR F 21 -13.10 -31.82 -37.21
N LEU F 22 -12.99 -33.02 -36.63
CA LEU F 22 -14.02 -34.02 -36.85
C LEU F 22 -15.34 -33.59 -36.19
N LEU F 23 -15.29 -32.98 -35.00
CA LEU F 23 -16.51 -32.51 -34.35
C LEU F 23 -17.14 -31.46 -35.24
N PHE F 24 -16.32 -30.54 -35.72
CA PHE F 24 -16.74 -29.47 -36.60
C PHE F 24 -17.47 -30.07 -37.82
N VAL F 25 -16.92 -31.13 -38.40
CA VAL F 25 -17.54 -31.77 -39.56
C VAL F 25 -18.87 -32.43 -39.17
N ARG F 26 -18.85 -33.18 -38.09
CA ARG F 26 -20.04 -33.86 -37.58
C ARG F 26 -21.20 -32.89 -37.29
N LEU F 27 -20.89 -31.69 -36.80
CA LEU F 27 -21.91 -30.72 -36.48
C LEU F 27 -22.50 -30.09 -37.71
N LEU F 28 -21.68 -29.97 -38.74
CA LEU F 28 -22.10 -29.35 -39.98
C LEU F 28 -22.72 -30.29 -41.03
N THR F 29 -22.41 -31.58 -40.98
CA THR F 29 -22.89 -32.51 -42.00
C THR F 29 -23.48 -33.79 -41.44
N GLY F 30 -23.20 -34.06 -40.17
CA GLY F 30 -23.69 -35.28 -39.55
C GLY F 30 -22.87 -36.45 -39.99
N GLN F 31 -21.87 -36.22 -40.84
CA GLN F 31 -21.04 -37.32 -41.33
C GLN F 31 -19.61 -37.38 -40.83
N TYR F 32 -18.94 -38.46 -41.21
CA TYR F 32 -17.54 -38.69 -40.89
C TYR F 32 -16.76 -38.28 -42.12
N ARG F 33 -15.49 -37.91 -41.92
CA ARG F 33 -14.58 -37.55 -43.01
C ARG F 33 -13.16 -37.71 -42.49
N ASP F 34 -12.27 -38.15 -43.35
CA ASP F 34 -10.88 -38.26 -42.97
C ASP F 34 -10.30 -36.87 -42.84
N THR F 35 -9.34 -36.71 -41.94
CA THR F 35 -8.71 -35.42 -41.70
C THR F 35 -7.21 -35.59 -41.47
N GLN F 36 -6.50 -34.49 -41.57
CA GLN F 36 -5.05 -34.45 -41.32
C GLN F 36 -4.87 -33.26 -40.38
N THR F 37 -3.71 -33.16 -39.78
CA THR F 37 -3.41 -32.04 -38.90
C THR F 37 -3.71 -30.73 -39.64
N SER F 38 -4.49 -29.87 -38.98
CA SER F 38 -4.91 -28.58 -39.54
C SER F 38 -3.81 -27.55 -39.47
N ILE F 39 -3.62 -26.76 -40.53
CA ILE F 39 -2.59 -25.74 -40.50
C ILE F 39 -3.12 -24.30 -40.52
N THR F 40 -4.43 -24.15 -40.74
CA THR F 40 -5.10 -22.83 -40.66
C THR F 40 -6.48 -23.10 -40.08
N ASP F 41 -7.17 -22.03 -39.76
CA ASP F 41 -8.51 -22.11 -39.23
C ASP F 41 -9.48 -22.33 -40.37
N SER F 42 -10.64 -22.88 -40.05
CA SER F 42 -11.70 -23.07 -41.01
C SER F 42 -13.00 -22.67 -40.28
N SER F 43 -13.95 -22.15 -41.03
CA SER F 43 -15.17 -21.69 -40.42
C SER F 43 -16.38 -21.96 -41.30
N ALA F 44 -17.56 -21.96 -40.70
CA ALA F 44 -18.79 -22.20 -41.43
C ALA F 44 -20.00 -21.92 -40.52
N ILE F 45 -21.14 -21.65 -41.15
CA ILE F 45 -22.36 -21.33 -40.42
C ILE F 45 -23.12 -22.55 -39.91
N TYR F 46 -23.52 -22.49 -38.65
CA TYR F 46 -24.27 -23.59 -38.03
C TYR F 46 -25.67 -23.14 -37.61
N LYS F 47 -26.71 -23.77 -38.16
CA LYS F 47 -28.08 -23.43 -37.80
C LYS F 47 -28.44 -24.26 -36.57
N VAL F 48 -28.66 -23.56 -35.47
CA VAL F 48 -28.98 -24.20 -34.20
C VAL F 48 -30.28 -25.04 -34.20
N ASN F 49 -30.31 -26.04 -33.33
CA ASN F 49 -31.43 -26.95 -33.19
C ASN F 49 -32.72 -26.40 -32.54
N ASN F 50 -32.68 -25.19 -32.01
CA ASN F 50 -33.88 -24.62 -31.39
C ASN F 50 -34.86 -24.01 -32.40
N ASN F 51 -36.09 -23.77 -31.92
CA ASN F 51 -37.17 -23.21 -32.72
C ASN F 51 -36.81 -22.03 -33.61
N ARG F 52 -36.21 -20.99 -33.02
CA ARG F 52 -35.82 -19.81 -33.78
C ARG F 52 -34.71 -20.12 -34.79
N GLY F 53 -33.98 -21.22 -34.54
CA GLY F 53 -32.90 -21.61 -35.43
C GLY F 53 -31.83 -20.55 -35.62
N ASN F 54 -31.30 -20.02 -34.53
CA ASN F 54 -30.27 -18.99 -34.62
C ASN F 54 -29.04 -19.55 -35.33
N SER F 55 -28.27 -18.68 -35.97
CA SER F 55 -27.08 -19.15 -36.65
C SER F 55 -25.84 -18.72 -35.89
N LEU F 56 -24.88 -19.63 -35.77
CA LEU F 56 -23.60 -19.36 -35.10
C LEU F 56 -22.49 -19.56 -36.15
N THR F 57 -21.34 -18.93 -35.97
CA THR F 57 -20.23 -19.17 -36.89
C THR F 57 -19.22 -20.09 -36.19
N LEU F 58 -19.21 -21.36 -36.52
CA LEU F 58 -18.24 -22.27 -35.90
C LEU F 58 -16.89 -21.98 -36.54
N ILE F 59 -15.86 -21.85 -35.71
CA ILE F 59 -14.48 -21.61 -36.16
C ILE F 59 -13.57 -22.66 -35.53
N ASP F 60 -13.01 -23.52 -36.37
CA ASP F 60 -12.12 -24.60 -35.95
C ASP F 60 -10.69 -24.08 -35.94
N LEU F 61 -10.04 -24.03 -34.77
CA LEU F 61 -8.65 -23.51 -34.70
C LEU F 61 -7.59 -24.60 -34.54
N PRO F 62 -6.50 -24.51 -35.31
CA PRO F 62 -5.41 -25.49 -35.26
C PRO F 62 -4.87 -25.65 -33.83
N GLY F 63 -4.59 -26.88 -33.42
CA GLY F 63 -4.06 -27.08 -32.10
C GLY F 63 -2.54 -27.04 -31.99
N HIS F 64 -1.87 -27.01 -33.15
CA HIS F 64 -0.42 -26.98 -33.11
C HIS F 64 0.12 -25.81 -32.26
N GLU F 65 1.09 -26.11 -31.41
CA GLU F 65 1.74 -25.13 -30.52
C GLU F 65 2.16 -23.86 -31.24
N SER F 66 2.69 -23.99 -32.45
CA SER F 66 3.15 -22.82 -33.20
C SER F 66 2.04 -21.97 -33.76
N LEU F 67 0.79 -22.39 -33.61
CA LEU F 67 -0.34 -21.61 -34.15
C LEU F 67 -1.50 -21.38 -33.21
N ARG F 68 -1.59 -22.16 -32.15
CA ARG F 68 -2.73 -22.06 -31.26
C ARG F 68 -3.00 -20.69 -30.68
N PHE F 69 -2.00 -20.02 -30.12
CA PHE F 69 -2.22 -18.71 -29.51
C PHE F 69 -2.32 -17.58 -30.52
N GLN F 70 -1.52 -17.65 -31.57
CA GLN F 70 -1.58 -16.62 -32.58
C GLN F 70 -3.03 -16.55 -33.10
N LEU F 71 -3.66 -17.69 -33.35
CA LEU F 71 -5.03 -17.69 -33.85
C LEU F 71 -6.11 -17.48 -32.79
N LEU F 72 -5.87 -17.90 -31.55
CA LEU F 72 -6.86 -17.66 -30.50
C LEU F 72 -6.88 -16.13 -30.28
N ASP F 73 -5.71 -15.49 -30.25
CA ASP F 73 -5.65 -14.03 -30.07
C ASP F 73 -6.43 -13.36 -31.19
N ARG F 74 -6.24 -13.82 -32.43
CA ARG F 74 -6.90 -13.20 -33.56
C ARG F 74 -8.43 -13.29 -33.52
N PHE F 75 -8.98 -14.38 -33.03
CA PHE F 75 -10.43 -14.53 -33.03
C PHE F 75 -11.13 -14.38 -31.68
N LYS F 76 -10.40 -14.31 -30.57
CA LYS F 76 -11.08 -14.27 -29.29
C LYS F 76 -12.12 -13.18 -29.04
N SER F 77 -11.86 -11.94 -29.47
CA SER F 77 -12.84 -10.88 -29.24
C SER F 77 -14.15 -11.07 -30.02
N SER F 78 -14.15 -11.98 -31.00
CA SER F 78 -15.37 -12.28 -31.79
C SER F 78 -16.14 -13.48 -31.23
N ALA F 79 -15.63 -14.08 -30.15
CA ALA F 79 -16.25 -15.26 -29.57
C ALA F 79 -17.39 -15.08 -28.58
N ARG F 80 -18.49 -15.75 -28.89
CA ARG F 80 -19.64 -15.77 -28.04
C ARG F 80 -19.43 -16.97 -27.11
N ALA F 81 -18.65 -17.94 -27.58
CA ALA F 81 -18.37 -19.14 -26.80
C ALA F 81 -17.13 -19.85 -27.27
N VAL F 82 -16.53 -20.64 -26.38
CA VAL F 82 -15.33 -21.38 -26.67
C VAL F 82 -15.55 -22.82 -26.25
N VAL F 83 -15.21 -23.77 -27.13
CA VAL F 83 -15.33 -25.19 -26.81
C VAL F 83 -13.93 -25.71 -26.81
N PHE F 84 -13.47 -26.10 -25.63
CA PHE F 84 -12.12 -26.62 -25.50
C PHE F 84 -12.28 -28.14 -25.62
N VAL F 85 -11.75 -28.71 -26.70
CA VAL F 85 -11.85 -30.15 -26.93
C VAL F 85 -10.75 -30.98 -26.28
N VAL F 86 -11.14 -32.07 -25.65
CA VAL F 86 -10.18 -32.95 -24.96
C VAL F 86 -10.28 -34.42 -25.41
N ASP F 87 -9.14 -35.01 -25.73
CA ASP F 87 -9.13 -36.41 -26.12
C ASP F 87 -9.26 -37.13 -24.78
N SER F 88 -10.45 -37.65 -24.48
CA SER F 88 -10.67 -38.34 -23.21
C SER F 88 -9.88 -39.64 -23.01
N ALA F 89 -9.51 -40.27 -24.11
CA ALA F 89 -8.76 -41.54 -24.07
C ALA F 89 -7.28 -41.33 -23.84
N ALA F 90 -6.74 -40.19 -24.30
CA ALA F 90 -5.32 -39.93 -24.13
C ALA F 90 -5.07 -38.99 -22.95
N PHE F 91 -6.16 -38.60 -22.28
CA PHE F 91 -6.06 -37.68 -21.19
C PHE F 91 -4.99 -37.98 -20.14
N GLN F 92 -4.92 -39.21 -19.66
CA GLN F 92 -3.93 -39.58 -18.64
C GLN F 92 -2.49 -39.19 -18.98
N ARG F 93 -2.07 -39.38 -20.23
CA ARG F 93 -0.70 -39.02 -20.55
C ARG F 93 -0.56 -37.56 -20.93
N GLU F 94 -1.64 -36.95 -21.40
CA GLU F 94 -1.59 -35.56 -21.85
C GLU F 94 -2.01 -34.47 -20.86
N VAL F 95 -2.48 -34.87 -19.67
CA VAL F 95 -2.96 -33.94 -18.64
C VAL F 95 -2.26 -32.60 -18.52
N LYS F 96 -0.95 -32.65 -18.35
CA LYS F 96 -0.15 -31.45 -18.19
C LYS F 96 -0.26 -30.52 -19.39
N ASP F 97 -0.19 -31.09 -20.60
CA ASP F 97 -0.29 -30.26 -21.81
C ASP F 97 -1.66 -29.62 -21.94
N VAL F 98 -2.70 -30.39 -21.58
CA VAL F 98 -4.07 -29.91 -21.63
C VAL F 98 -4.25 -28.76 -20.66
N ALA F 99 -3.96 -29.01 -19.38
CA ALA F 99 -4.09 -27.98 -18.33
C ALA F 99 -3.35 -26.68 -18.68
N GLU F 100 -2.14 -26.82 -19.17
CA GLU F 100 -1.36 -25.66 -19.55
C GLU F 100 -1.99 -24.81 -20.66
N PHE F 101 -2.62 -25.47 -21.62
CA PHE F 101 -3.25 -24.74 -22.71
C PHE F 101 -4.56 -24.16 -22.16
N LEU F 102 -5.32 -24.95 -21.41
CA LEU F 102 -6.56 -24.47 -20.84
C LEU F 102 -6.32 -23.23 -19.97
N TYR F 103 -5.24 -23.25 -19.20
CA TYR F 103 -4.84 -22.13 -18.35
C TYR F 103 -4.84 -20.82 -19.15
N GLN F 104 -4.09 -20.79 -20.24
CA GLN F 104 -4.07 -19.61 -21.10
C GLN F 104 -5.44 -19.30 -21.68
N VAL F 105 -6.26 -20.32 -21.92
CA VAL F 105 -7.59 -20.08 -22.48
C VAL F 105 -8.51 -19.44 -21.43
N LEU F 106 -8.35 -19.84 -20.17
CA LEU F 106 -9.15 -19.30 -19.08
C LEU F 106 -8.74 -17.85 -18.88
N ILE F 107 -7.44 -17.62 -18.84
CA ILE F 107 -6.97 -16.27 -18.68
C ILE F 107 -7.44 -15.37 -19.82
N ASP F 108 -7.20 -15.77 -21.07
CA ASP F 108 -7.64 -14.95 -22.21
C ASP F 108 -9.11 -14.62 -22.14
N SER F 109 -9.92 -15.62 -21.82
CA SER F 109 -11.35 -15.45 -21.75
C SER F 109 -11.82 -14.45 -20.71
N MET F 110 -11.15 -14.43 -19.56
CA MET F 110 -11.53 -13.50 -18.49
C MET F 110 -11.14 -12.07 -18.77
N ALA F 111 -9.99 -11.88 -19.42
CA ALA F 111 -9.54 -10.52 -19.75
C ALA F 111 -10.44 -9.87 -20.82
N LEU F 112 -11.46 -10.57 -21.29
CA LEU F 112 -12.32 -10.03 -22.31
C LEU F 112 -13.49 -9.25 -21.73
N LYS F 113 -13.85 -8.16 -22.40
CA LYS F 113 -14.96 -7.34 -21.96
C LYS F 113 -16.15 -8.25 -21.67
N ASN F 114 -16.70 -8.88 -22.69
CA ASN F 114 -17.82 -9.78 -22.48
C ASN F 114 -17.34 -11.22 -22.58
N SER F 115 -16.89 -11.74 -21.44
CA SER F 115 -16.38 -13.09 -21.37
C SER F 115 -17.23 -14.10 -22.11
N PRO F 116 -16.60 -14.89 -22.98
CA PRO F 116 -17.37 -15.89 -23.71
C PRO F 116 -17.72 -17.03 -22.76
N SER F 117 -18.82 -17.71 -23.07
CA SER F 117 -19.25 -18.86 -22.31
C SER F 117 -18.21 -19.96 -22.71
N LEU F 118 -17.83 -20.82 -21.78
CA LEU F 118 -16.83 -21.85 -22.08
C LEU F 118 -17.23 -23.31 -21.81
N LEU F 119 -17.02 -24.21 -22.78
CA LEU F 119 -17.35 -25.61 -22.54
C LEU F 119 -16.10 -26.48 -22.67
N ILE F 120 -16.06 -27.52 -21.86
CA ILE F 120 -14.95 -28.45 -21.91
C ILE F 120 -15.59 -29.72 -22.45
N ALA F 121 -15.39 -30.00 -23.75
CA ALA F 121 -15.96 -31.17 -24.39
C ALA F 121 -14.99 -32.34 -24.33
N CYS F 122 -15.34 -33.29 -23.47
CA CYS F 122 -14.56 -34.48 -23.26
C CYS F 122 -14.93 -35.45 -24.38
N ASN F 123 -14.16 -35.38 -25.46
CA ASN F 123 -14.36 -36.15 -26.68
C ASN F 123 -13.71 -37.53 -26.71
N LYS F 124 -14.05 -38.30 -27.75
CA LYS F 124 -13.55 -39.66 -27.94
C LYS F 124 -14.05 -40.67 -26.88
N GLN F 125 -15.27 -40.43 -26.38
CA GLN F 125 -15.90 -41.30 -25.38
C GLN F 125 -16.17 -42.71 -25.91
N ASP F 126 -16.30 -42.83 -27.23
CA ASP F 126 -16.53 -44.12 -27.89
C ASP F 126 -15.37 -45.11 -27.66
N ILE F 127 -14.20 -44.60 -27.28
CA ILE F 127 -13.05 -45.47 -27.03
C ILE F 127 -13.16 -45.97 -25.59
N ALA F 128 -12.96 -47.27 -25.41
CA ALA F 128 -13.09 -47.88 -24.08
C ALA F 128 -12.33 -47.24 -22.91
N MET F 129 -11.03 -47.03 -23.07
CA MET F 129 -10.22 -46.45 -22.00
C MET F 129 -10.48 -44.95 -21.71
N ALA F 130 -11.60 -44.41 -22.18
CA ALA F 130 -11.89 -42.98 -22.01
C ALA F 130 -12.28 -42.52 -20.59
N LYS F 131 -11.54 -41.56 -20.05
CA LYS F 131 -11.83 -41.02 -18.73
C LYS F 131 -13.12 -40.21 -18.84
N SER F 132 -13.91 -40.21 -17.77
CA SER F 132 -15.18 -39.49 -17.76
C SER F 132 -14.97 -37.99 -17.63
N ALA F 133 -15.99 -37.21 -17.94
CA ALA F 133 -15.92 -35.76 -17.82
C ALA F 133 -15.78 -35.37 -16.35
N LYS F 134 -16.33 -36.19 -15.47
CA LYS F 134 -16.25 -35.92 -14.04
C LYS F 134 -14.78 -36.05 -13.62
N LEU F 135 -14.15 -37.15 -14.01
CA LEU F 135 -12.73 -37.36 -13.67
C LEU F 135 -11.78 -36.35 -14.35
N ILE F 136 -12.13 -35.92 -15.56
CA ILE F 136 -11.27 -34.96 -16.24
C ILE F 136 -11.34 -33.60 -15.54
N GLN F 137 -12.54 -33.23 -15.08
CA GLN F 137 -12.70 -31.96 -14.37
C GLN F 137 -11.89 -32.01 -13.08
N GLN F 138 -12.00 -33.12 -12.37
CA GLN F 138 -11.28 -33.28 -11.11
C GLN F 138 -9.77 -33.15 -11.32
N GLN F 139 -9.21 -33.90 -12.27
CA GLN F 139 -7.77 -33.82 -12.49
C GLN F 139 -7.33 -32.46 -13.06
N LEU F 140 -8.18 -31.82 -13.85
CA LEU F 140 -7.81 -30.50 -14.37
C LEU F 140 -7.78 -29.44 -13.27
N GLU F 141 -8.71 -29.53 -12.32
CA GLU F 141 -8.72 -28.57 -11.20
C GLU F 141 -7.43 -28.75 -10.39
N LYS F 142 -7.14 -29.99 -10.03
CA LYS F 142 -5.93 -30.28 -9.27
C LYS F 142 -4.69 -29.73 -10.00
N GLU F 143 -4.65 -29.90 -11.32
CA GLU F 143 -3.52 -29.43 -12.12
C GLU F 143 -3.44 -27.91 -12.29
N LEU F 144 -4.58 -27.25 -12.50
CA LEU F 144 -4.55 -25.79 -12.65
C LEU F 144 -4.17 -25.21 -11.30
N ASN F 145 -4.54 -25.93 -10.24
CA ASN F 145 -4.23 -25.49 -8.90
C ASN F 145 -2.75 -25.38 -8.67
N THR F 146 -1.97 -26.26 -9.29
CA THR F 146 -0.53 -26.17 -9.11
C THR F 146 0.04 -25.16 -10.07
N LEU F 147 -0.50 -25.12 -11.28
CA LEU F 147 -0.03 -24.17 -12.30
C LEU F 147 -0.09 -22.69 -11.92
N ARG F 148 -1.14 -22.27 -11.21
CA ARG F 148 -1.21 -20.85 -10.84
C ARG F 148 -0.12 -20.46 -9.85
N VAL F 149 0.59 -21.44 -9.32
CA VAL F 149 1.68 -21.15 -8.40
C VAL F 149 3.00 -21.28 -9.16
N THR F 150 3.19 -22.40 -9.85
CA THR F 150 4.43 -22.63 -10.60
C THR F 150 4.54 -21.80 -11.87
N ARG F 151 3.40 -21.36 -12.41
CA ARG F 151 3.36 -20.57 -13.64
C ARG F 151 4.33 -19.40 -13.74
N SER F 152 5.40 -19.57 -14.52
CA SER F 152 6.41 -18.54 -14.73
C SER F 152 5.84 -17.34 -15.49
N PRO F 165 -2.80 -7.89 -13.11
CA PRO F 165 -2.49 -9.33 -13.13
C PRO F 165 -3.69 -10.23 -12.84
N ALA F 166 -4.22 -10.85 -13.90
CA ALA F 166 -5.37 -11.74 -13.77
C ALA F 166 -4.97 -13.11 -13.23
N GLN F 167 -5.75 -13.64 -12.30
CA GLN F 167 -5.45 -14.94 -11.71
C GLN F 167 -6.66 -15.85 -11.55
N LEU F 168 -6.39 -17.11 -11.23
CA LEU F 168 -7.45 -18.11 -11.09
C LEU F 168 -8.03 -18.28 -9.69
N GLY F 169 -9.32 -18.01 -9.54
CA GLY F 169 -9.98 -18.16 -8.25
C GLY F 169 -9.32 -17.42 -7.10
N LYS F 170 -9.34 -18.00 -5.91
CA LYS F 170 -8.72 -17.36 -4.76
C LYS F 170 -7.42 -18.06 -4.41
N LYS F 171 -6.37 -17.28 -4.20
CA LYS F 171 -5.05 -17.83 -3.87
C LYS F 171 -5.03 -18.77 -2.66
N GLY F 172 -5.82 -18.44 -1.64
CA GLY F 172 -5.88 -19.25 -0.44
C GLY F 172 -6.81 -20.45 -0.47
N LYS F 173 -7.57 -20.64 -1.53
CA LYS F 173 -8.44 -21.81 -1.60
C LYS F 173 -8.12 -22.67 -2.84
N GLU F 174 -8.07 -23.98 -2.66
CA GLU F 174 -7.79 -24.91 -3.75
C GLU F 174 -8.66 -24.59 -4.98
N PHE F 175 -8.01 -24.42 -6.14
CA PHE F 175 -8.69 -24.08 -7.39
C PHE F 175 -9.86 -24.98 -7.78
N GLU F 176 -10.90 -24.36 -8.32
CA GLU F 176 -12.08 -25.08 -8.81
C GLU F 176 -12.68 -24.19 -9.86
N PHE F 177 -13.23 -24.78 -10.91
CA PHE F 177 -13.83 -24.00 -12.00
C PHE F 177 -14.98 -23.08 -11.56
N SER F 178 -15.76 -23.48 -10.55
CA SER F 178 -16.88 -22.66 -10.05
C SER F 178 -16.43 -21.28 -9.50
N GLN F 179 -15.19 -21.17 -9.03
CA GLN F 179 -14.67 -19.92 -8.51
C GLN F 179 -14.39 -18.91 -9.63
N LEU F 180 -14.56 -19.33 -10.86
CA LEU F 180 -14.26 -18.43 -11.96
C LEU F 180 -15.39 -17.52 -12.36
N PRO F 181 -15.05 -16.28 -12.74
CA PRO F 181 -16.08 -15.33 -13.18
C PRO F 181 -16.41 -15.67 -14.65
N LEU F 182 -16.78 -16.94 -14.90
CA LEU F 182 -17.11 -17.44 -16.25
C LEU F 182 -18.06 -18.62 -16.19
N LYS F 183 -18.93 -18.73 -17.19
CA LYS F 183 -19.84 -19.88 -17.28
C LYS F 183 -18.92 -21.00 -17.85
N VAL F 184 -18.78 -22.10 -17.11
CA VAL F 184 -17.91 -23.18 -17.55
C VAL F 184 -18.65 -24.50 -17.40
N GLU F 185 -18.80 -25.24 -18.49
CA GLU F 185 -19.47 -26.54 -18.41
C GLU F 185 -18.62 -27.63 -18.97
N PHE F 186 -18.92 -28.85 -18.51
CA PHE F 186 -18.25 -30.03 -18.97
C PHE F 186 -19.31 -30.96 -19.54
N LEU F 187 -19.01 -31.61 -20.65
CA LEU F 187 -19.92 -32.59 -21.20
C LEU F 187 -19.11 -33.68 -21.91
N GLU F 188 -19.75 -34.78 -22.29
CA GLU F 188 -19.07 -35.86 -22.95
C GLU F 188 -19.57 -35.97 -24.40
N CYS F 189 -18.73 -36.49 -25.29
CA CYS F 189 -19.12 -36.63 -26.69
C CYS F 189 -18.20 -37.55 -27.45
N SER F 190 -18.62 -37.87 -28.66
CA SER F 190 -17.87 -38.72 -29.57
C SER F 190 -18.13 -38.24 -30.99
N ALA F 191 -17.07 -38.05 -31.76
CA ALA F 191 -17.22 -37.59 -33.12
C ALA F 191 -17.41 -38.79 -34.06
N LYS F 192 -17.12 -39.98 -33.54
CA LYS F 192 -17.26 -41.20 -34.32
C LYS F 192 -18.38 -42.08 -33.74
N SER F 200 -23.14 -42.96 -37.31
CA SER F 200 -23.29 -41.63 -36.72
C SER F 200 -22.54 -41.49 -35.37
N ALA F 201 -22.45 -40.25 -34.92
CA ALA F 201 -21.75 -39.92 -33.69
C ALA F 201 -22.68 -39.66 -32.50
N ASP F 202 -22.06 -39.29 -31.38
CA ASP F 202 -22.75 -38.97 -30.15
C ASP F 202 -22.44 -37.54 -29.75
N ILE F 203 -23.09 -36.59 -30.40
CA ILE F 203 -22.86 -35.18 -30.11
C ILE F 203 -24.14 -34.46 -29.67
N GLN F 204 -25.09 -35.22 -29.14
CA GLN F 204 -26.37 -34.67 -28.68
C GLN F 204 -26.24 -33.58 -27.63
N ASP F 205 -25.49 -33.85 -26.57
CA ASP F 205 -25.31 -32.85 -25.54
C ASP F 205 -24.64 -31.59 -26.05
N LEU F 206 -23.66 -31.76 -26.93
CA LEU F 206 -22.92 -30.64 -27.52
C LEU F 206 -23.84 -29.74 -28.35
N GLU F 207 -24.71 -30.35 -29.17
CA GLU F 207 -25.66 -29.57 -29.96
C GLU F 207 -26.69 -28.96 -29.01
N LYS F 208 -26.95 -29.62 -27.89
CA LYS F 208 -27.90 -29.06 -26.93
C LYS F 208 -27.26 -27.80 -26.37
N TRP F 209 -26.02 -27.89 -25.88
CA TRP F 209 -25.30 -26.72 -25.33
C TRP F 209 -25.15 -25.61 -26.36
N LEU F 210 -24.76 -25.95 -27.58
CA LEU F 210 -24.61 -24.94 -28.61
C LEU F 210 -25.93 -24.21 -28.81
N ALA F 211 -27.03 -24.95 -28.78
CA ALA F 211 -28.35 -24.33 -28.90
C ALA F 211 -28.56 -23.34 -27.73
N LYS F 212 -28.35 -23.87 -26.52
CA LYS F 212 -28.49 -23.12 -25.28
C LYS F 212 -27.73 -21.80 -25.26
N ILE F 213 -26.53 -21.74 -25.84
CA ILE F 213 -25.78 -20.50 -25.81
C ILE F 213 -25.95 -19.61 -27.02
N ALA F 214 -26.70 -20.07 -28.01
CA ALA F 214 -26.89 -19.30 -29.25
C ALA F 214 -27.56 -17.93 -29.10
N GLY G 4 9.65 36.97 63.18
CA GLY G 4 9.72 38.10 62.29
C GLY G 4 8.58 39.04 62.56
N LYS G 5 7.43 38.82 61.89
CA LYS G 5 6.26 39.65 62.05
C LYS G 5 5.87 39.81 63.51
N VAL G 6 6.34 38.90 64.41
CA VAL G 6 6.07 38.97 65.82
C VAL G 6 7.36 39.00 66.61
N LYS G 7 7.68 40.17 67.22
CA LYS G 7 8.87 40.36 67.99
C LYS G 7 8.77 40.07 69.44
N ALA G 8 9.93 39.84 70.09
CA ALA G 8 10.01 39.51 71.50
C ALA G 8 9.44 40.60 72.38
N GLY G 9 9.70 41.88 72.05
CA GLY G 9 9.19 42.98 72.84
C GLY G 9 7.70 42.92 72.87
N GLU G 10 7.08 42.70 71.69
CA GLU G 10 5.66 42.65 71.54
C GLU G 10 5.04 41.52 72.33
N LEU G 11 5.78 40.43 72.54
CA LEU G 11 5.30 39.29 73.28
C LEU G 11 5.31 39.61 74.76
N TRP G 12 6.32 40.35 75.21
CA TRP G 12 6.45 40.71 76.60
C TRP G 12 5.45 41.79 76.88
N ASN G 13 5.01 42.46 75.80
CA ASN G 13 4.15 43.59 75.93
C ASN G 13 2.84 43.00 76.28
N LYS G 14 2.49 41.85 75.66
CA LYS G 14 1.20 41.27 75.83
C LYS G 14 0.97 40.72 77.17
N SER G 15 -0.32 40.66 77.59
CA SER G 15 -0.68 40.20 78.91
C SER G 15 -0.60 38.68 78.87
N LYS G 16 -0.66 38.02 80.06
CA LYS G 16 -0.58 36.58 80.23
C LYS G 16 -1.68 35.96 79.44
N ASP G 17 -2.85 36.61 79.46
CA ASP G 17 -4.01 36.15 78.75
C ASP G 17 -3.90 36.37 77.25
N ASP G 18 -3.12 37.37 76.82
CA ASP G 18 -3.02 37.73 75.44
C ASP G 18 -2.03 36.82 74.78
N LEU G 19 -1.08 36.27 75.55
CA LEU G 19 -0.12 35.34 75.04
C LEU G 19 -0.81 34.07 74.76
N THR G 20 -1.68 33.61 75.66
CA THR G 20 -2.42 32.39 75.48
C THR G 20 -3.34 32.52 74.30
N LYS G 21 -3.99 33.69 74.14
CA LYS G 21 -4.88 33.90 73.06
C LYS G 21 -4.10 33.95 71.77
N GLN G 22 -2.90 34.54 71.82
CA GLN G 22 -2.04 34.66 70.66
C GLN G 22 -1.50 33.30 70.34
N LEU G 23 -1.26 32.47 71.36
CA LEU G 23 -0.72 31.17 71.24
C LEU G 23 -1.69 30.33 70.48
N ALA G 24 -2.93 30.19 71.01
CA ALA G 24 -3.94 29.39 70.40
C ALA G 24 -4.24 29.87 69.00
N GLU G 25 -3.91 31.14 68.69
CA GLU G 25 -4.12 31.68 67.39
C GLU G 25 -3.06 31.12 66.48
N LEU G 26 -1.80 31.15 66.89
CA LEU G 26 -0.74 30.69 66.04
C LEU G 26 -0.89 29.23 65.75
N LYS G 27 -1.26 28.43 66.77
CA LYS G 27 -1.46 27.04 66.59
C LYS G 27 -2.46 26.88 65.44
N THR G 28 -3.57 27.60 65.46
CA THR G 28 -4.57 27.44 64.44
C THR G 28 -4.02 27.75 63.05
N GLU G 29 -3.22 28.82 62.90
CA GLU G 29 -2.66 29.17 61.62
C GLU G 29 -1.85 28.01 61.18
N LEU G 30 -1.05 27.45 62.09
CA LEU G 30 -0.20 26.34 61.84
C LEU G 30 -1.00 25.16 61.36
N GLY G 31 -2.03 24.74 62.12
CA GLY G 31 -2.84 23.62 61.81
C GLY G 31 -3.42 23.79 60.45
N GLN G 32 -3.84 24.99 60.04
CA GLN G 32 -4.44 25.19 58.76
C GLN G 32 -3.40 25.16 57.66
N LEU G 33 -2.14 25.47 57.98
CA LEU G 33 -1.08 25.44 57.03
C LEU G 33 -0.73 24.03 56.71
N ARG G 34 -0.76 23.17 57.73
CA ARG G 34 -0.47 21.77 57.59
C ARG G 34 -1.57 21.09 56.84
N ILE G 35 -2.81 21.60 56.94
CA ILE G 35 -3.95 21.08 56.25
C ILE G 35 -3.78 21.39 54.78
N GLN G 36 -3.42 22.64 54.50
CA GLN G 36 -3.22 23.07 53.17
C GLN G 36 -2.17 22.20 52.64
N LYS G 37 -1.11 21.83 53.39
CA LYS G 37 0.06 21.10 52.95
C LYS G 37 -0.25 19.67 52.69
N VAL G 38 -1.17 19.08 53.46
CA VAL G 38 -1.97 17.89 53.04
C VAL G 38 -2.66 17.34 51.46
N ALA G 39 -3.25 17.81 50.04
CA ALA G 39 -4.09 18.64 50.41
C ALA G 39 -2.73 19.35 49.99
N SER G 40 -2.15 19.67 48.78
CA SER G 40 -0.86 20.43 48.80
C SER G 40 -1.12 21.89 49.17
N SER G 41 -0.23 22.50 50.02
CA SER G 41 -0.50 23.80 50.60
C SER G 41 -0.12 24.77 49.61
N GLY G 42 -0.92 25.86 49.47
CA GLY G 42 -0.65 26.85 48.47
C GLY G 42 0.79 27.30 48.52
N SER G 43 1.27 27.58 49.71
CA SER G 43 2.47 28.30 50.00
C SER G 43 3.97 28.12 49.98
N LYS G 44 4.43 28.88 51.13
CA LYS G 44 5.07 30.12 51.60
C LYS G 44 5.84 29.73 52.81
N LEU G 45 6.51 28.60 52.63
CA LEU G 45 7.43 27.90 53.48
C LEU G 45 8.08 28.66 54.61
N ASN G 46 8.49 29.91 54.36
CA ASN G 46 9.06 30.77 55.35
C ASN G 46 8.17 30.97 56.55
N ARG G 47 6.83 30.83 56.42
CA ARG G 47 5.92 31.12 57.49
C ARG G 47 5.61 29.93 58.31
N ILE G 48 5.35 28.75 57.74
CA ILE G 48 5.05 27.58 58.47
C ILE G 48 6.19 27.29 59.43
N HIS G 49 7.38 27.81 59.11
CA HIS G 49 8.55 27.71 59.91
C HIS G 49 8.55 28.78 60.95
N ASP G 50 8.11 30.00 60.60
CA ASP G 50 8.03 31.13 61.50
C ASP G 50 6.98 30.87 62.54
N ILE G 51 5.86 30.23 62.17
CA ILE G 51 4.78 29.91 63.07
C ILE G 51 5.30 29.06 64.19
N ARG G 52 6.25 28.15 63.92
CA ARG G 52 6.79 27.29 64.93
C ARG G 52 7.65 28.07 65.89
N LYS G 53 8.51 28.95 65.36
CA LYS G 53 9.40 29.71 66.18
C LYS G 53 8.60 30.66 66.99
N SER G 54 7.59 31.36 66.42
CA SER G 54 6.72 32.26 67.14
C SER G 54 6.13 31.60 68.33
N ILE G 55 5.64 30.37 68.15
CA ILE G 55 5.03 29.61 69.20
C ILE G 55 6.06 29.32 70.28
N ALA G 56 7.30 29.04 69.89
CA ALA G 56 8.34 28.75 70.83
C ALA G 56 8.63 29.95 71.68
N ARG G 57 8.72 31.14 71.07
CA ARG G 57 9.00 32.37 71.76
C ARG G 57 7.95 32.63 72.79
N VAL G 58 6.66 32.54 72.43
CA VAL G 58 5.56 32.78 73.32
C VAL G 58 5.70 31.86 74.52
N LEU G 59 5.93 30.56 74.29
CA LEU G 59 6.05 29.63 75.38
C LEU G 59 7.23 29.97 76.24
N THR G 60 8.34 30.43 75.65
CA THR G 60 9.51 30.78 76.38
C THR G 60 9.19 31.93 77.31
N VAL G 61 8.49 32.96 76.79
CA VAL G 61 8.15 34.13 77.54
C VAL G 61 7.18 33.78 78.65
N ILE G 62 6.14 32.96 78.38
CA ILE G 62 5.17 32.56 79.36
C ILE G 62 5.91 31.98 80.52
N ASN G 63 6.99 31.24 80.26
CA ASN G 63 7.76 30.61 81.29
C ASN G 63 8.55 31.63 82.07
N ALA G 64 9.19 32.59 81.39
CA ALA G 64 10.02 33.57 82.04
C ALA G 64 9.20 34.45 82.95
N LYS G 65 8.03 34.88 82.47
CA LYS G 65 7.19 35.79 83.17
C LYS G 65 6.45 35.16 84.30
N GLN G 66 6.21 33.82 84.25
CA GLN G 66 5.51 33.10 85.28
C GLN G 66 4.09 32.92 84.82
N ARG G 67 3.85 33.04 83.51
CA ARG G 67 2.62 32.79 82.82
C ARG G 67 2.31 34.05 82.18
N GLN H 69 7.46 22.25 72.62
CA GLN H 69 6.63 21.11 72.86
C GLN H 69 6.12 20.62 71.52
N TYR H 70 6.09 19.30 71.34
CA TYR H 70 5.64 18.69 70.12
C TYR H 70 4.13 18.48 70.11
N GLN H 71 3.53 18.54 68.91
CA GLN H 71 2.11 18.36 68.77
C GLN H 71 1.88 16.92 68.38
N ILE H 72 0.69 16.36 68.73
CA ILE H 72 0.34 14.99 68.44
C ILE H 72 0.12 14.84 66.96
N LEU H 73 -0.82 15.60 66.37
CA LEU H 73 -1.21 15.39 65.00
C LEU H 73 -0.32 16.23 64.13
N LYS H 74 0.09 15.67 62.97
CA LYS H 74 0.95 16.34 62.05
C LYS H 74 0.21 16.80 60.86
N TYR H 75 -0.54 15.90 60.20
CA TYR H 75 -1.29 16.27 59.04
C TYR H 75 -2.05 15.04 58.61
N PRO H 76 -3.17 15.18 57.91
CA PRO H 76 -3.85 14.03 57.35
C PRO H 76 -3.07 13.30 56.30
N LEU H 77 -3.26 11.99 56.22
CA LEU H 77 -2.53 11.28 55.23
C LEU H 77 -3.56 11.09 54.18
N THR H 78 -3.28 11.56 52.95
CA THR H 78 -4.25 11.45 51.91
C THR H 78 -3.63 10.53 50.92
N THR H 79 -4.30 9.41 50.62
CA THR H 79 -3.79 8.50 49.65
C THR H 79 -4.99 7.77 49.17
N GLU H 80 -4.85 6.98 48.10
CA GLU H 80 -5.89 6.15 47.61
C GLU H 80 -6.41 5.28 48.72
N SER H 81 -5.52 4.61 49.47
CA SER H 81 -5.89 3.68 50.48
C SER H 81 -6.59 4.35 51.60
N ALA H 82 -6.16 5.58 51.92
CA ALA H 82 -6.74 6.32 53.00
C ALA H 82 -8.15 6.70 52.62
N MET H 83 -8.41 6.89 51.31
CA MET H 83 -9.70 7.23 50.82
C MET H 83 -10.65 6.06 50.96
N LYS H 84 -10.19 4.85 50.67
CA LYS H 84 -11.09 3.73 50.79
C LYS H 84 -11.46 3.50 52.21
N LYS H 85 -10.53 3.77 53.12
CA LYS H 85 -10.77 3.58 54.49
C LYS H 85 -11.75 4.62 54.95
N ILE H 86 -11.72 5.85 54.40
CA ILE H 86 -12.62 6.92 54.78
C ILE H 86 -14.00 6.62 54.25
N GLU H 87 -14.13 6.19 52.98
CA GLU H 87 -15.40 6.06 52.36
C GLU H 87 -16.02 4.81 52.93
N ASP H 88 -15.27 3.69 53.02
CA ASP H 88 -15.94 2.44 53.21
C ASP H 88 -15.88 1.91 54.60
N ASN H 89 -14.95 2.42 55.39
CA ASN H 89 -14.82 1.92 56.72
C ASN H 89 -14.68 3.13 57.45
N ASN H 90 -14.90 4.30 56.84
CA ASN H 90 -15.39 5.28 57.67
C ASN H 90 -14.20 5.83 58.50
N THR H 91 -12.90 5.37 58.43
CA THR H 91 -11.81 5.91 59.21
C THR H 91 -11.05 7.10 58.67
N LEU H 92 -10.19 7.73 59.50
CA LEU H 92 -9.36 8.85 59.11
C LEU H 92 -7.94 8.45 59.36
N VAL H 93 -7.00 8.90 58.49
CA VAL H 93 -5.62 8.49 58.58
C VAL H 93 -4.80 9.74 58.81
N PHE H 94 -3.86 9.70 59.79
CA PHE H 94 -3.05 10.84 60.12
C PHE H 94 -1.60 10.45 60.25
N ILE H 95 -0.70 11.44 60.13
CA ILE H 95 0.72 11.36 60.38
C ILE H 95 0.84 12.00 61.76
N VAL H 96 1.47 11.40 62.85
CA VAL H 96 1.47 11.95 64.23
C VAL H 96 2.87 11.76 64.82
N ASP H 97 3.34 12.39 66.06
CA ASP H 97 4.45 11.76 66.04
C ASP H 97 4.65 10.49 66.60
N LEU H 98 5.89 10.08 66.55
CA LEU H 98 6.20 8.72 66.65
C LEU H 98 5.68 8.17 67.94
N LYS H 99 5.82 8.91 69.05
CA LYS H 99 5.59 8.33 70.33
C LYS H 99 4.26 8.85 70.82
N ALA H 100 3.31 9.25 69.97
CA ALA H 100 2.08 9.77 70.53
C ALA H 100 1.38 8.78 71.44
N ASP H 101 1.45 7.52 71.09
CA ASP H 101 0.58 6.47 71.48
C ASP H 101 -0.38 6.24 72.58
N LYS H 102 -1.38 5.47 71.93
CA LYS H 102 -2.57 5.51 70.99
C LYS H 102 -3.74 6.28 71.47
N LYS H 103 -3.75 6.28 72.78
CA LYS H 103 -4.63 7.05 73.54
C LYS H 103 -4.42 8.46 73.11
N LYS H 104 -3.17 8.93 73.04
CA LYS H 104 -2.97 10.33 72.82
C LYS H 104 -3.49 10.75 71.49
N ILE H 105 -3.40 9.85 70.50
CA ILE H 105 -3.90 10.11 69.18
C ILE H 105 -5.38 10.23 69.24
N LYS H 106 -6.07 9.35 70.00
CA LYS H 106 -7.49 9.33 70.10
C LYS H 106 -8.00 10.61 70.69
N ALA H 107 -7.33 11.10 71.73
CA ALA H 107 -7.78 12.29 72.38
C ALA H 107 -7.56 13.47 71.48
N ALA H 108 -6.33 13.63 70.96
CA ALA H 108 -5.97 14.74 70.12
C ALA H 108 -6.95 14.87 69.00
N VAL H 109 -7.28 13.74 68.32
CA VAL H 109 -8.18 13.74 67.19
C VAL H 109 -9.51 14.28 67.59
N LYS H 110 -10.04 13.89 68.76
CA LYS H 110 -11.35 14.24 69.18
C LYS H 110 -11.34 15.72 69.31
N LYS H 111 -10.43 16.26 70.10
CA LYS H 111 -10.50 17.64 70.47
C LYS H 111 -10.30 18.56 69.29
N MET H 112 -9.71 18.06 68.17
CA MET H 112 -9.44 18.89 67.05
C MET H 112 -10.61 18.92 66.10
N TYR H 113 -11.39 17.84 66.00
CA TYR H 113 -12.37 17.78 64.95
C TYR H 113 -13.75 17.58 65.54
N ASP H 114 -13.85 17.51 66.87
CA ASP H 114 -15.11 17.45 67.58
C ASP H 114 -15.90 16.21 67.24
N ILE H 115 -15.34 14.97 67.54
CA ILE H 115 -15.84 13.68 67.08
C ILE H 115 -15.71 12.58 68.02
N GLN H 116 -16.14 11.34 67.76
CA GLN H 116 -15.93 10.32 68.75
C GLN H 116 -15.08 9.26 68.16
N ALA H 117 -13.87 9.05 68.73
CA ALA H 117 -12.96 8.08 68.20
C ALA H 117 -13.21 6.74 68.81
N LYS H 118 -13.40 5.73 67.94
CA LYS H 118 -13.74 4.42 68.36
C LYS H 118 -12.55 3.56 68.51
N LYS H 119 -11.56 3.73 67.64
CA LYS H 119 -10.40 2.92 67.83
C LYS H 119 -9.25 3.66 67.16
N VAL H 120 -7.99 3.26 67.51
CA VAL H 120 -6.82 3.75 66.81
C VAL H 120 -5.86 2.60 66.55
N ASN H 121 -5.27 2.51 65.33
CA ASN H 121 -4.29 1.49 64.97
C ASN H 121 -3.09 2.28 64.52
N THR H 122 -1.85 1.90 64.90
CA THR H 122 -0.69 2.73 64.68
C THR H 122 0.36 1.89 64.02
N LEU H 123 1.23 2.49 63.15
CA LEU H 123 2.33 1.88 62.48
C LEU H 123 3.47 2.88 62.41
N ILE H 124 4.73 2.45 62.65
CA ILE H 124 5.95 3.21 62.42
C ILE H 124 6.21 2.68 61.01
N ARG H 125 5.81 3.31 59.90
CA ARG H 125 6.52 3.89 58.84
C ARG H 125 6.96 2.96 57.73
N PRO H 126 8.06 3.08 56.98
CA PRO H 126 9.17 4.00 57.20
C PRO H 126 8.86 5.29 56.48
N ASP H 127 9.28 6.40 57.12
CA ASP H 127 8.99 7.76 56.73
C ASP H 127 9.69 8.53 57.80
N GLY H 128 9.73 7.96 59.02
CA GLY H 128 10.37 8.62 60.13
C GLY H 128 9.29 9.29 60.92
N LYS H 129 8.02 9.00 60.60
CA LYS H 129 6.89 9.54 61.32
C LYS H 129 6.18 8.36 61.92
N LYS H 130 4.85 8.44 62.11
CA LYS H 130 4.06 7.33 62.53
C LYS H 130 2.74 7.56 61.88
N LYS H 131 2.00 6.48 61.52
CA LYS H 131 0.72 6.61 60.87
C LYS H 131 -0.31 6.01 61.78
N ALA H 132 -1.46 6.70 61.91
CA ALA H 132 -2.51 6.28 62.78
C ALA H 132 -3.77 6.18 61.97
N TYR H 133 -4.46 5.03 62.06
CA TYR H 133 -5.68 4.78 61.36
C TYR H 133 -6.68 4.97 62.46
N VAL H 134 -7.54 6.00 62.43
CA VAL H 134 -8.48 6.34 63.48
C VAL H 134 -9.90 6.16 62.97
N LYS H 135 -10.73 5.33 63.61
CA LYS H 135 -12.01 4.92 63.08
C LYS H 135 -12.92 5.66 64.01
N LEU H 136 -14.00 6.23 63.44
CA LEU H 136 -14.87 7.12 64.14
C LEU H 136 -16.15 6.43 64.34
N THR H 137 -17.06 7.05 65.12
CA THR H 137 -18.32 6.45 65.34
C THR H 137 -19.11 6.60 64.06
N PRO H 138 -20.07 5.72 63.86
CA PRO H 138 -21.04 5.89 62.81
C PRO H 138 -21.77 7.21 62.73
N ASP H 139 -22.12 7.92 63.83
CA ASP H 139 -22.80 9.17 63.59
C ASP H 139 -21.84 10.28 63.28
N TYR H 140 -20.57 10.15 63.67
CA TYR H 140 -19.57 11.12 63.32
C TYR H 140 -19.43 11.12 61.80
N ASP H 141 -19.37 9.90 61.23
CA ASP H 141 -18.96 9.60 59.89
C ASP H 141 -18.63 10.52 58.76
N ALA H 142 -17.29 10.22 58.48
CA ALA H 142 -15.87 10.67 58.24
C ALA H 142 -15.44 11.41 57.00
N LEU H 143 -16.07 11.04 55.90
CA LEU H 143 -16.07 11.75 54.66
C LEU H 143 -16.25 13.22 54.90
N ASP H 144 -17.14 13.60 55.83
CA ASP H 144 -17.47 14.97 56.10
C ASP H 144 -16.39 15.68 56.85
N VAL H 145 -15.76 15.03 57.83
CA VAL H 145 -14.76 15.63 58.65
C VAL H 145 -13.59 15.98 57.85
N ALA H 146 -13.30 15.14 56.86
CA ALA H 146 -12.14 15.33 56.07
C ALA H 146 -12.40 16.37 55.02
N ASN H 147 -13.66 16.59 54.62
CA ASN H 147 -13.98 17.49 53.54
C ASN H 147 -13.75 18.93 53.93
N LYS H 148 -13.73 19.25 55.23
CA LYS H 148 -13.63 20.64 55.62
C LYS H 148 -12.19 21.08 55.71
N ILE H 149 -11.21 20.23 55.29
CA ILE H 149 -9.81 20.56 55.35
C ILE H 149 -9.19 20.24 54.02
N THR I 17 4.12 -19.98 -3.86
CA THR I 17 3.62 -20.82 -2.82
C THR I 17 3.62 -22.22 -3.37
N ARG I 18 4.32 -23.17 -2.71
CA ARG I 18 4.58 -24.48 -3.30
C ARG I 18 4.88 -25.36 -2.12
N GLU I 19 5.08 -26.68 -2.37
CA GLU I 19 5.07 -27.71 -1.36
C GLU I 19 6.46 -28.18 -1.60
N TYR I 20 7.19 -28.56 -0.54
CA TYR I 20 8.57 -28.93 -0.69
C TYR I 20 8.89 -29.92 0.36
N THR I 21 9.86 -30.79 0.05
CA THR I 21 10.19 -31.88 0.89
C THR I 21 11.56 -31.58 1.43
N VAL I 22 11.64 -31.42 2.76
CA VAL I 22 12.83 -30.97 3.39
C VAL I 22 13.43 -32.26 3.81
N ASN I 23 14.64 -32.46 3.26
CA ASN I 23 15.56 -33.44 3.76
C ASN I 23 16.30 -32.42 4.57
N LEU I 24 17.60 -32.22 4.37
CA LEU I 24 18.45 -31.53 5.32
C LEU I 24 18.38 -31.97 6.77
N HIS I 25 17.23 -32.39 7.31
CA HIS I 25 17.06 -33.31 8.39
C HIS I 25 18.06 -34.41 8.41
N LYS I 26 18.41 -35.08 7.28
CA LYS I 26 19.49 -36.04 7.32
C LYS I 26 20.77 -35.50 7.86
N ARG I 27 20.99 -34.18 7.74
CA ARG I 27 22.26 -33.62 8.07
C ARG I 27 22.26 -33.61 9.56
N LEU I 28 21.09 -33.61 10.26
CA LEU I 28 20.97 -33.38 11.69
C LEU I 28 21.53 -34.53 12.44
N HIS I 29 22.01 -35.56 11.74
CA HIS I 29 22.54 -36.70 12.38
C HIS I 29 23.97 -36.39 12.67
N GLY I 30 24.57 -35.41 11.98
CA GLY I 30 25.94 -35.01 12.23
C GLY I 30 26.10 -34.28 13.53
N CYS I 31 25.02 -34.12 14.29
CA CYS I 31 25.13 -33.48 15.55
C CYS I 31 24.66 -34.58 16.40
N THR I 32 25.16 -34.65 17.65
CA THR I 32 24.64 -35.58 18.58
C THR I 32 23.18 -35.53 18.78
N PHE I 33 22.71 -36.66 19.32
CA PHE I 33 21.41 -37.10 19.09
C PHE I 33 20.49 -36.43 20.04
N LYS I 34 20.98 -35.99 21.21
CA LYS I 34 20.09 -35.42 22.17
C LYS I 34 19.68 -34.02 21.81
N LYS I 35 20.03 -33.50 20.61
CA LYS I 35 19.81 -32.12 20.31
C LYS I 35 19.39 -32.04 18.88
N LYS I 36 18.73 -33.10 18.35
CA LYS I 36 18.60 -33.15 16.92
C LYS I 36 17.53 -32.21 16.52
N ALA I 37 16.46 -32.16 17.35
CA ALA I 37 15.34 -31.31 17.18
C ALA I 37 15.79 -29.89 16.97
N PRO I 38 16.61 -29.21 17.76
CA PRO I 38 16.96 -27.84 17.42
C PRO I 38 17.71 -27.74 16.14
N ASN I 39 18.49 -28.78 15.77
CA ASN I 39 19.29 -28.69 14.60
C ASN I 39 18.37 -28.74 13.44
N ALA I 40 17.25 -29.48 13.58
CA ALA I 40 16.28 -29.72 12.56
C ALA I 40 15.65 -28.46 12.18
N ILE I 41 15.29 -27.67 13.21
CA ILE I 41 14.51 -26.50 13.07
C ILE I 41 15.35 -25.54 12.30
N LYS I 42 16.69 -25.65 12.41
CA LYS I 42 17.53 -24.69 11.77
C LYS I 42 17.67 -25.08 10.35
N GLU I 43 17.52 -26.37 10.02
CA GLU I 43 17.89 -26.81 8.72
C GLU I 43 16.77 -26.44 7.83
N ILE I 44 15.53 -26.52 8.35
CA ILE I 44 14.34 -26.22 7.63
C ILE I 44 14.33 -24.78 7.29
N ARG I 45 14.89 -23.95 8.19
CA ARG I 45 14.87 -22.55 8.00
C ARG I 45 15.83 -22.24 6.89
N LYS I 46 16.95 -22.97 6.81
CA LYS I 46 17.97 -22.63 5.85
C LYS I 46 17.60 -23.16 4.51
N PHE I 47 16.70 -24.17 4.48
CA PHE I 47 16.35 -24.85 3.27
C PHE I 47 15.44 -23.92 2.57
N ALA I 48 14.55 -23.30 3.35
CA ALA I 48 13.50 -22.54 2.78
C ALA I 48 14.07 -21.23 2.46
N GLN I 49 15.09 -20.74 3.19
CA GLN I 49 15.79 -19.56 2.77
C GLN I 49 16.43 -19.68 1.41
N LYS I 50 16.75 -20.88 0.92
CA LYS I 50 17.75 -20.96 -0.11
C LYS I 50 17.07 -21.01 -1.45
N ALA I 51 15.91 -21.67 -1.59
CA ALA I 51 15.65 -22.39 -2.83
C ALA I 51 14.59 -21.65 -3.62
N MET I 52 14.43 -20.35 -3.34
CA MET I 52 13.40 -19.84 -2.49
C MET I 52 14.18 -18.69 -1.95
N GLY I 53 14.92 -17.96 -2.82
CA GLY I 53 15.77 -16.90 -2.38
C GLY I 53 14.82 -15.93 -1.79
N THR I 54 13.67 -15.70 -2.48
CA THR I 54 12.78 -14.77 -1.95
C THR I 54 11.88 -15.36 -0.87
N ASN I 55 12.46 -15.85 0.27
CA ASN I 55 11.70 -16.57 1.27
C ASN I 55 12.31 -16.40 2.67
N ASP I 56 11.81 -15.42 3.52
CA ASP I 56 11.96 -15.18 4.98
C ASP I 56 11.50 -16.35 5.72
N VAL I 57 11.77 -16.49 6.99
CA VAL I 57 11.72 -17.79 7.49
C VAL I 57 11.00 -17.69 8.78
N ARG I 58 9.68 -17.48 8.63
CA ARG I 58 8.72 -17.70 9.66
C ARG I 58 8.23 -19.10 9.52
N ILE I 59 8.36 -19.87 10.62
CA ILE I 59 8.02 -21.25 10.69
C ILE I 59 6.82 -21.35 11.59
N ASP I 60 5.65 -21.71 11.04
CA ASP I 60 4.47 -21.86 11.84
C ASP I 60 4.73 -22.97 12.76
N VAL I 61 4.22 -22.82 14.01
CA VAL I 61 4.31 -23.72 15.15
C VAL I 61 4.02 -25.17 14.80
N LYS I 62 3.34 -25.43 13.69
CA LYS I 62 2.88 -26.73 13.34
C LYS I 62 4.11 -27.50 12.98
N LEU I 63 5.04 -26.81 12.31
CA LEU I 63 6.25 -27.41 11.82
C LEU I 63 7.09 -27.74 13.00
N ASN I 64 7.05 -26.89 14.04
CA ASN I 64 7.94 -27.04 15.15
C ASN I 64 7.49 -28.25 15.88
N LYS I 65 6.16 -28.47 15.92
CA LYS I 65 5.58 -29.49 16.71
C LYS I 65 5.86 -30.79 16.03
N HIS I 66 5.86 -30.77 14.68
CA HIS I 66 6.11 -31.94 13.89
C HIS I 66 7.46 -32.49 14.23
N ILE I 67 8.48 -31.64 14.35
CA ILE I 67 9.83 -32.10 14.51
C ILE I 67 10.05 -32.56 15.91
N TRP I 68 9.22 -32.09 16.85
CA TRP I 68 9.53 -32.27 18.23
C TRP I 68 8.62 -33.37 18.67
N SER I 69 8.03 -34.14 17.72
CA SER I 69 6.90 -34.97 18.01
C SER I 69 7.36 -36.06 18.90
N SER I 70 8.45 -36.76 18.52
CA SER I 70 8.98 -37.80 19.34
C SER I 70 10.14 -37.36 20.18
N GLY I 71 10.19 -36.05 20.52
CA GLY I 71 11.08 -35.59 21.53
C GLY I 71 12.28 -35.07 20.83
N ILE I 72 13.28 -34.61 21.61
CA ILE I 72 14.35 -33.80 21.10
C ILE I 72 15.28 -34.68 20.28
N ARG I 73 15.16 -36.02 20.42
CA ARG I 73 16.26 -36.85 20.04
C ARG I 73 15.86 -37.61 18.81
N SER I 74 14.55 -37.60 18.44
CA SER I 74 14.07 -38.55 17.48
C SER I 74 13.30 -37.77 16.43
N VAL I 75 14.03 -36.93 15.66
CA VAL I 75 13.47 -36.07 14.66
C VAL I 75 13.18 -36.87 13.40
N PRO I 76 12.18 -36.65 12.54
CA PRO I 76 11.99 -37.54 11.39
C PRO I 76 13.02 -37.19 10.36
N ARG I 77 13.05 -37.93 9.25
CA ARG I 77 14.19 -37.84 8.37
C ARG I 77 13.78 -36.87 7.30
N ARG I 78 12.52 -36.37 7.33
CA ARG I 78 11.94 -35.70 6.20
C ARG I 78 10.80 -34.96 6.81
N VAL I 79 10.38 -33.83 6.21
CA VAL I 79 9.14 -33.17 6.53
C VAL I 79 8.69 -32.53 5.26
N ARG I 80 7.38 -32.28 5.12
CA ARG I 80 6.78 -31.87 3.88
C ARG I 80 6.30 -30.57 4.42
N VAL I 81 6.51 -29.46 3.68
CA VAL I 81 6.32 -28.15 4.23
C VAL I 81 5.74 -27.39 3.10
N ARG I 82 4.84 -26.45 3.41
CA ARG I 82 4.05 -25.76 2.43
C ARG I 82 4.47 -24.40 2.80
N ILE I 83 4.83 -23.55 1.83
CA ILE I 83 5.60 -22.38 2.11
C ILE I 83 5.08 -21.39 1.07
N ALA I 84 5.18 -20.05 1.27
CA ALA I 84 4.55 -19.02 0.47
C ALA I 84 5.41 -17.79 0.47
N ARG I 85 5.52 -17.02 -0.64
CA ARG I 85 6.62 -16.08 -0.82
C ARG I 85 5.86 -14.86 -1.09
N LYS I 86 6.26 -13.70 -0.55
CA LYS I 86 5.67 -12.54 -1.13
C LYS I 86 6.74 -11.60 -1.43
N ARG I 87 6.59 -11.00 -2.63
CA ARG I 87 7.49 -11.30 -3.71
C ARG I 87 8.51 -10.23 -3.56
N ASN I 88 8.21 -9.23 -2.73
CA ASN I 88 8.63 -7.90 -2.96
C ASN I 88 9.97 -8.04 -2.38
N ASP I 89 10.00 -8.45 -1.10
CA ASP I 89 11.10 -8.18 -0.26
C ASP I 89 11.76 -9.44 0.10
N GLU I 90 11.03 -10.56 0.20
CA GLU I 90 11.53 -11.87 0.12
C GLU I 90 10.89 -12.64 1.23
N GLU I 91 9.82 -12.21 1.91
CA GLU I 91 9.35 -13.09 2.96
C GLU I 91 8.84 -14.50 2.61
N ASP I 92 8.58 -15.34 3.67
CA ASP I 92 8.09 -16.71 3.57
C ASP I 92 7.48 -17.12 4.86
N ALA I 93 6.42 -17.92 4.75
CA ALA I 93 5.55 -18.25 5.83
C ALA I 93 5.33 -19.67 5.49
N LYS I 94 5.36 -20.58 6.48
CA LYS I 94 5.59 -21.95 6.13
C LYS I 94 5.01 -22.77 7.20
N GLU I 95 4.39 -23.88 6.83
CA GLU I 95 3.68 -24.66 7.77
C GLU I 95 3.82 -26.10 7.38
N GLU I 96 2.95 -26.95 7.96
CA GLU I 96 3.10 -28.37 7.91
C GLU I 96 2.14 -28.60 6.77
N LEU I 97 1.97 -29.85 6.31
CA LEU I 97 1.07 -30.10 5.23
C LEU I 97 0.19 -31.22 5.68
#